data_3JQ6
#
_entry.id   3JQ6
#
_cell.length_a   74.141
_cell.length_b   89.468
_cell.length_c   84.342
_cell.angle_alpha   90.000
_cell.angle_beta   115.480
_cell.angle_gamma   90.000
#
_symmetry.space_group_name_H-M   'P 1 21 1'
#
loop_
_entity.id
_entity.type
_entity.pdbx_description
1 polymer 'Pteridine reductase 1'
2 non-polymer 'NADP NICOTINAMIDE-ADENINE-DINUCLEOTIDE PHOSPHATE'
3 non-polymer 6,7-bis(1-methylethyl)pteridine-2,4-diamine
4 non-polymer 2,3-DIHYDROXY-1,4-DITHIOBUTANE
5 water water
#
_entity_poly.entity_id   1
_entity_poly.type   'polypeptide(L)'
_entity_poly.pdbx_seq_one_letter_code
;MGSSHHHHHHSSGLVPRGSHMEAPAAVVTGAAKRIGRAIAVKLHQTGYRVVIHYHNSAEAAVSLADELNKERSNTAVVCQ
ADLTNSNVLPASCEEIINSCFRAFGRCDVLVNNASAFYPTPLVQGDHEDNSNGKTVETQVAELIGTNAIAPFLLTMSFAQ
RQKGTNPNCTSSNLSIVNLCDAMVDQPCMAFSLYNMGKHALVGLTQSAALELAPYGIRVNGVAPGVSLLPVAMGEEEKDK
WRRKVPLGRREASAEQIADAVIFLVSGSAQYITGSIIKVDGGLSLVHA
;
_entity_poly.pdbx_strand_id   A,B,C,D
#
loop_
_chem_comp.id
_chem_comp.type
_chem_comp.name
_chem_comp.formula
DTT non-polymer 2,3-DIHYDROXY-1,4-DITHIOBUTANE 'C4 H10 O2 S2'
DX1 non-polymer 6,7-bis(1-methylethyl)pteridine-2,4-diamine 'C12 H18 N6'
NAP non-polymer 'NADP NICOTINAMIDE-ADENINE-DINUCLEOTIDE PHOSPHATE' 'C21 H28 N7 O17 P3'
#
# COMPACT_ATOMS: atom_id res chain seq x y z
N GLU A 22 -3.59 12.35 39.29
CA GLU A 22 -3.66 10.86 39.13
CA GLU A 22 -3.55 10.87 39.18
C GLU A 22 -2.79 10.40 37.94
N ALA A 23 -2.04 9.33 38.11
CA ALA A 23 -1.21 8.79 37.05
C ALA A 23 -2.09 8.03 36.06
N PRO A 24 -1.79 8.12 34.76
CA PRO A 24 -2.60 7.35 33.82
C PRO A 24 -2.30 5.84 33.92
N ALA A 25 -3.19 5.04 33.35
CA ALA A 25 -3.08 3.58 33.40
C ALA A 25 -3.14 3.00 32.00
N ALA A 26 -2.36 1.93 31.80
CA ALA A 26 -2.29 1.22 30.52
C ALA A 26 -2.47 -0.30 30.70
N VAL A 27 -3.05 -0.93 29.70
CA VAL A 27 -3.09 -2.38 29.62
C VAL A 27 -2.13 -2.81 28.50
N VAL A 28 -1.23 -3.75 28.82
CA VAL A 28 -0.37 -4.35 27.80
C VAL A 28 -0.62 -5.86 27.72
N THR A 29 -1.02 -6.35 26.56
CA THR A 29 -1.26 -7.79 26.45
C THR A 29 0.04 -8.52 26.13
N GLY A 30 0.16 -9.75 26.61
CA GLY A 30 1.38 -10.57 26.46
C GLY A 30 2.60 -9.81 26.95
N ALA A 31 2.50 -9.27 28.16
CA ALA A 31 3.51 -8.34 28.68
C ALA A 31 4.56 -8.96 29.60
N ALA A 32 4.52 -10.29 29.77
CA ALA A 32 5.44 -10.95 30.73
C ALA A 32 6.88 -10.99 30.23
N LYS A 33 7.05 -11.00 28.90
CA LYS A 33 8.39 -11.12 28.35
CA LYS A 33 8.36 -11.21 28.29
C LYS A 33 8.58 -10.36 27.04
N ARG A 34 9.84 -10.28 26.63
CA ARG A 34 10.22 -9.81 25.31
C ARG A 34 9.71 -8.41 25.00
N ILE A 35 9.10 -8.20 23.84
CA ILE A 35 8.64 -6.86 23.45
C ILE A 35 7.54 -6.29 24.36
N GLY A 36 6.56 -7.12 24.74
CA GLY A 36 5.47 -6.68 25.63
C GLY A 36 6.01 -6.20 26.97
N ARG A 37 6.97 -6.93 27.50
CA ARG A 37 7.65 -6.54 28.73
C ARG A 37 8.36 -5.19 28.62
N ALA A 38 9.11 -4.97 27.53
CA ALA A 38 9.79 -3.70 27.28
C ALA A 38 8.80 -2.53 27.20
N ILE A 39 7.65 -2.78 26.56
CA ILE A 39 6.58 -1.79 26.46
C ILE A 39 6.04 -1.45 27.84
N ALA A 40 5.69 -2.48 28.62
CA ALA A 40 5.21 -2.27 29.99
C ALA A 40 6.22 -1.48 30.84
N VAL A 41 7.49 -1.88 30.75
CA VAL A 41 8.57 -1.25 31.53
C VAL A 41 8.70 0.21 31.14
N LYS A 42 8.69 0.48 29.84
CA LYS A 42 8.88 1.84 29.36
C LYS A 42 7.66 2.72 29.69
N LEU A 43 6.45 2.18 29.55
CA LEU A 43 5.25 2.92 29.98
C LEU A 43 5.34 3.23 31.47
N HIS A 44 5.65 2.22 32.28
CA HIS A 44 5.84 2.43 33.72
C HIS A 44 6.88 3.53 34.02
N GLN A 45 7.99 3.52 33.30
CA GLN A 45 9.07 4.52 33.46
C GLN A 45 8.61 5.93 33.12
N THR A 46 7.69 6.00 32.15
CA THR A 46 7.07 7.25 31.71
C THR A 46 6.01 7.74 32.71
N GLY A 47 5.65 6.92 33.70
CA GLY A 47 4.70 7.34 34.73
C GLY A 47 3.36 6.62 34.73
N TYR A 48 3.21 5.64 33.85
CA TYR A 48 1.98 4.88 33.79
C TYR A 48 1.89 3.81 34.86
N ARG A 49 0.69 3.58 35.36
CA ARG A 49 0.39 2.35 36.08
C ARG A 49 0.02 1.29 35.02
N VAL A 50 0.41 0.03 35.24
CA VAL A 50 0.25 -0.97 34.17
C VAL A 50 -0.44 -2.28 34.59
N VAL A 51 -1.31 -2.76 33.71
CA VAL A 51 -1.83 -4.10 33.78
C VAL A 51 -0.97 -4.99 32.87
N ILE A 52 -0.35 -5.96 33.48
CA ILE A 52 0.51 -6.95 32.80
C ILE A 52 -0.37 -8.15 32.50
N HIS A 53 -0.87 -8.23 31.27
CA HIS A 53 -1.60 -9.42 30.87
C HIS A 53 -0.60 -10.50 30.47
N TYR A 54 -0.93 -11.77 30.73
CA TYR A 54 -0.11 -12.86 30.26
C TYR A 54 -1.01 -14.06 30.02
N HIS A 55 -0.49 -15.08 29.34
CA HIS A 55 -1.24 -16.30 29.12
C HIS A 55 -0.61 -17.44 29.95
N ASN A 56 0.59 -17.89 29.58
CA ASN A 56 1.27 -19.01 30.24
C ASN A 56 2.44 -18.58 31.15
N SER A 57 2.98 -17.40 30.89
CA SER A 57 4.18 -16.94 31.59
C SER A 57 3.87 -16.28 32.94
N ALA A 58 3.33 -17.08 33.85
CA ALA A 58 2.93 -16.63 35.19
C ALA A 58 4.09 -16.13 36.03
N GLU A 59 5.20 -16.88 36.05
CA GLU A 59 6.33 -16.51 36.89
C GLU A 59 6.98 -15.21 36.43
N ALA A 60 7.14 -15.03 35.12
CA ALA A 60 7.74 -13.80 34.59
C ALA A 60 6.79 -12.61 34.80
N ALA A 61 5.49 -12.83 34.64
CA ALA A 61 4.50 -11.76 34.84
C ALA A 61 4.55 -11.26 36.28
N VAL A 62 4.48 -12.18 37.24
CA VAL A 62 4.49 -11.79 38.66
C VAL A 62 5.81 -11.11 39.03
N SER A 63 6.90 -11.65 38.50
CA SER A 63 8.23 -11.10 38.73
C SER A 63 8.33 -9.66 38.22
N LEU A 64 7.80 -9.41 37.03
CA LEU A 64 7.74 -8.07 36.49
C LEU A 64 6.88 -7.13 37.35
N ALA A 65 5.72 -7.61 37.79
CA ALA A 65 4.86 -6.82 38.68
C ALA A 65 5.57 -6.41 39.97
N ASP A 66 6.25 -7.38 40.58
CA ASP A 66 7.05 -7.16 41.79
C ASP A 66 8.07 -6.05 41.55
N GLU A 67 8.87 -6.21 40.49
CA GLU A 67 9.90 -5.25 40.11
C GLU A 67 9.35 -3.84 39.95
N LEU A 68 8.28 -3.66 39.15
CA LEU A 68 7.66 -2.35 38.96
C LEU A 68 7.06 -1.76 40.25
N ASN A 69 6.41 -2.60 41.05
CA ASN A 69 5.87 -2.17 42.34
C ASN A 69 6.94 -1.74 43.35
N LYS A 70 8.12 -2.36 43.24
CA LYS A 70 9.26 -1.95 44.06
C LYS A 70 9.73 -0.55 43.68
N GLU A 71 9.59 -0.20 42.40
CA GLU A 71 9.95 1.12 41.92
C GLU A 71 8.96 2.19 42.38
N ARG A 72 7.66 1.93 42.21
CA ARG A 72 6.60 2.79 42.76
C ARG A 72 5.46 1.89 43.23
N SER A 73 5.09 2.02 44.51
CA SER A 73 4.07 1.18 45.12
C SER A 73 2.73 1.30 44.39
N ASN A 74 2.04 0.16 44.22
CA ASN A 74 0.67 0.14 43.68
C ASN A 74 0.57 0.64 42.25
N THR A 75 1.53 0.26 41.42
CA THR A 75 1.53 0.70 40.03
C THR A 75 1.53 -0.43 39.00
N ALA A 76 1.48 -1.68 39.45
CA ALA A 76 1.44 -2.81 38.50
C ALA A 76 0.57 -3.93 39.06
N VAL A 77 -0.23 -4.51 38.20
CA VAL A 77 -1.00 -5.70 38.57
C VAL A 77 -0.88 -6.71 37.40
N VAL A 78 -1.22 -7.97 37.64
CA VAL A 78 -1.30 -8.95 36.55
C VAL A 78 -2.73 -9.39 36.24
N CYS A 79 -2.92 -9.88 35.03
CA CYS A 79 -4.20 -10.43 34.62
C CYS A 79 -3.97 -11.55 33.61
N GLN A 80 -4.34 -12.77 33.98
CA GLN A 80 -4.17 -13.95 33.11
C GLN A 80 -5.40 -14.12 32.20
N ALA A 81 -5.14 -14.42 30.92
CA ALA A 81 -6.21 -14.80 30.00
C ALA A 81 -5.66 -15.45 28.73
N ASP A 82 -6.34 -16.50 28.29
CA ASP A 82 -6.16 -17.03 26.95
C ASP A 82 -6.93 -16.13 25.96
N LEU A 83 -6.26 -15.70 24.89
CA LEU A 83 -6.89 -14.79 23.91
C LEU A 83 -7.24 -15.51 22.62
N THR A 84 -7.20 -16.84 22.65
CA THR A 84 -7.73 -17.68 21.56
C THR A 84 -9.21 -17.34 21.31
N ASN A 85 -9.63 -17.36 20.05
CA ASN A 85 -11.04 -17.09 19.75
C ASN A 85 -11.97 -18.19 20.28
N SER A 86 -13.10 -17.80 20.87
CA SER A 86 -14.09 -18.74 21.39
C SER A 86 -15.30 -17.94 21.83
N ASN A 87 -16.35 -18.65 22.25
CA ASN A 87 -17.55 -18.06 22.84
C ASN A 87 -17.27 -17.28 24.11
N VAL A 88 -16.16 -17.57 24.80
CA VAL A 88 -15.86 -16.85 26.06
C VAL A 88 -14.92 -15.66 25.88
N LEU A 89 -14.37 -15.49 24.67
CA LEU A 89 -13.38 -14.44 24.44
C LEU A 89 -13.89 -13.02 24.74
N PRO A 90 -15.12 -12.65 24.27
CA PRO A 90 -15.66 -11.33 24.65
C PRO A 90 -15.68 -11.03 26.16
N ALA A 91 -16.13 -11.97 26.98
CA ALA A 91 -15.99 -11.84 28.44
C ALA A 91 -14.53 -11.76 28.94
N SER A 92 -13.62 -12.55 28.38
CA SER A 92 -12.18 -12.47 28.79
C SER A 92 -11.62 -11.07 28.54
N CYS A 93 -11.93 -10.50 27.37
CA CYS A 93 -11.41 -9.19 27.01
C CYS A 93 -12.03 -8.09 27.86
N GLU A 94 -13.33 -8.23 28.12
CA GLU A 94 -14.00 -7.33 29.07
C GLU A 94 -13.31 -7.35 30.44
N GLU A 95 -12.93 -8.53 30.90
CA GLU A 95 -12.30 -8.65 32.21
C GLU A 95 -10.89 -8.08 32.24
N ILE A 96 -10.17 -8.17 31.12
CA ILE A 96 -8.85 -7.54 31.03
C ILE A 96 -8.94 -6.03 31.22
N ILE A 97 -9.87 -5.40 30.51
CA ILE A 97 -10.06 -3.97 30.64
C ILE A 97 -10.55 -3.65 32.06
N ASN A 98 -11.49 -4.46 32.57
CA ASN A 98 -12.04 -4.29 33.92
CA ASN A 98 -12.04 -4.28 33.92
C ASN A 98 -10.94 -4.31 34.98
N SER A 99 -9.95 -5.19 34.82
CA SER A 99 -8.84 -5.27 35.78
CA SER A 99 -8.82 -5.27 35.77
C SER A 99 -8.12 -3.93 35.94
N CYS A 100 -8.00 -3.17 34.85
CA CYS A 100 -7.38 -1.83 34.88
C CYS A 100 -8.22 -0.83 35.68
N PHE A 101 -9.54 -0.83 35.44
CA PHE A 101 -10.44 0.04 36.20
C PHE A 101 -10.51 -0.32 37.69
N ARG A 102 -10.58 -1.62 37.98
CA ARG A 102 -10.69 -2.07 39.36
C ARG A 102 -9.43 -1.73 40.17
N ALA A 103 -8.29 -1.77 39.52
CA ALA A 103 -7.01 -1.51 40.18
C ALA A 103 -6.70 -0.02 40.24
N PHE A 104 -6.92 0.68 39.13
CA PHE A 104 -6.41 2.03 38.96
C PHE A 104 -7.45 3.11 38.77
N GLY A 105 -8.70 2.70 38.53
CA GLY A 105 -9.82 3.66 38.45
C GLY A 105 -9.94 4.31 37.07
N ARG A 106 -9.16 3.83 36.11
CA ARG A 106 -9.10 4.43 34.78
C ARG A 106 -8.33 3.50 33.85
N CYS A 107 -8.48 3.70 32.55
CA CYS A 107 -7.69 3.00 31.54
C CYS A 107 -7.46 3.95 30.37
N ASP A 108 -6.22 4.41 30.21
CA ASP A 108 -5.91 5.46 29.22
C ASP A 108 -5.31 4.91 27.93
N VAL A 109 -4.61 3.78 28.04
CA VAL A 109 -3.85 3.23 26.93
C VAL A 109 -4.10 1.73 26.89
N LEU A 110 -4.33 1.21 25.68
CA LEU A 110 -4.34 -0.22 25.45
C LEU A 110 -3.28 -0.58 24.41
N VAL A 111 -2.38 -1.51 24.73
CA VAL A 111 -1.40 -2.03 23.77
C VAL A 111 -1.72 -3.50 23.47
N ASN A 112 -2.05 -3.76 22.20
CA ASN A 112 -2.37 -5.10 21.72
C ASN A 112 -1.08 -5.72 21.17
N ASN A 113 -0.38 -6.41 22.07
CA ASN A 113 0.92 -7.02 21.78
C ASN A 113 0.85 -8.56 21.66
N ALA A 114 -0.01 -9.21 22.44
CA ALA A 114 -0.01 -10.69 22.51
C ALA A 114 -0.25 -11.30 21.12
N SER A 115 0.42 -12.40 20.82
CA SER A 115 0.35 -12.92 19.45
C SER A 115 0.82 -14.36 19.40
N ALA A 116 0.02 -15.21 18.75
CA ALA A 116 0.47 -16.55 18.40
C ALA A 116 1.13 -16.46 17.04
N PHE A 117 2.18 -17.24 16.82
CA PHE A 117 2.95 -17.20 15.58
C PHE A 117 3.59 -18.57 15.36
N TYR A 118 3.07 -19.28 14.35
CA TYR A 118 3.56 -20.57 13.93
C TYR A 118 2.98 -20.88 12.56
N PRO A 119 3.63 -21.77 11.80
CA PRO A 119 3.18 -22.10 10.46
C PRO A 119 1.88 -22.89 10.43
N THR A 120 1.07 -22.59 9.42
CA THR A 120 -0.12 -23.34 9.10
C THR A 120 -0.12 -23.59 7.59
N PRO A 121 0.65 -24.61 7.13
CA PRO A 121 0.78 -24.92 5.70
C PRO A 121 -0.57 -25.23 5.06
N LEU A 122 -0.77 -24.78 3.84
CA LEU A 122 -2.02 -25.01 3.11
C LEU A 122 -2.15 -26.46 2.61
N VAL A 123 -1.02 -27.08 2.28
CA VAL A 123 -0.98 -28.47 1.81
C VAL A 123 -0.24 -29.33 2.85
N GLY A 133 0.15 -31.17 16.36
CA GLY A 133 -1.03 -31.87 16.87
C GLY A 133 -2.34 -31.10 16.71
N LYS A 134 -2.25 -29.77 16.64
CA LYS A 134 -3.44 -28.90 16.59
C LYS A 134 -4.29 -29.11 15.36
N THR A 135 -5.60 -29.20 15.55
CA THR A 135 -6.56 -29.21 14.44
C THR A 135 -6.56 -27.85 13.76
N VAL A 136 -7.01 -27.82 12.50
CA VAL A 136 -7.05 -26.53 11.81
C VAL A 136 -7.96 -25.52 12.51
N GLU A 137 -9.06 -25.98 13.11
CA GLU A 137 -9.97 -25.02 13.73
C GLU A 137 -9.33 -24.36 14.96
N THR A 138 -8.48 -25.11 15.63
CA THR A 138 -7.68 -24.60 16.76
C THR A 138 -6.64 -23.59 16.28
N GLN A 139 -5.97 -23.91 15.18
CA GLN A 139 -5.02 -22.98 14.57
C GLN A 139 -5.67 -21.65 14.19
N VAL A 140 -6.83 -21.72 13.55
CA VAL A 140 -7.65 -20.55 13.25
C VAL A 140 -7.98 -19.76 14.54
N ALA A 141 -8.51 -20.46 15.54
CA ALA A 141 -8.88 -19.80 16.79
C ALA A 141 -7.70 -19.08 17.43
N GLU A 142 -6.54 -19.75 17.49
CA GLU A 142 -5.36 -19.16 18.14
C GLU A 142 -4.77 -17.97 17.37
N LEU A 143 -4.54 -18.16 16.07
CA LEU A 143 -3.86 -17.16 15.26
C LEU A 143 -4.72 -15.96 14.93
N ILE A 144 -5.98 -16.20 14.54
CA ILE A 144 -6.92 -15.10 14.28
C ILE A 144 -7.43 -14.47 15.60
N GLY A 145 -7.67 -15.30 16.62
CA GLY A 145 -8.01 -14.79 17.96
C GLY A 145 -6.97 -13.85 18.55
N THR A 146 -5.73 -14.32 18.67
CA THR A 146 -4.71 -13.47 19.33
C THR A 146 -4.41 -12.23 18.51
N ASN A 147 -4.28 -12.37 17.19
CA ASN A 147 -3.74 -11.27 16.38
C ASN A 147 -4.80 -10.26 15.95
N ALA A 148 -6.06 -10.67 15.98
CA ALA A 148 -7.13 -9.83 15.42
C ALA A 148 -8.39 -9.71 16.26
N ILE A 149 -9.02 -10.83 16.60
CA ILE A 149 -10.34 -10.78 17.25
CA ILE A 149 -10.34 -10.80 17.27
C ILE A 149 -10.23 -10.25 18.68
N ALA A 150 -9.24 -10.73 19.42
CA ALA A 150 -9.01 -10.19 20.76
C ALA A 150 -8.71 -8.69 20.72
N PRO A 151 -7.78 -8.23 19.85
CA PRO A 151 -7.61 -6.80 19.72
C PRO A 151 -8.91 -6.02 19.47
N PHE A 152 -9.77 -6.55 18.60
CA PHE A 152 -11.09 -5.95 18.35
C PHE A 152 -11.98 -5.86 19.62
N LEU A 153 -12.09 -6.96 20.35
CA LEU A 153 -12.96 -7.00 21.53
C LEU A 153 -12.40 -6.14 22.67
N LEU A 154 -11.07 -6.16 22.83
CA LEU A 154 -10.41 -5.27 23.80
C LEU A 154 -10.63 -3.81 23.45
N THR A 155 -10.57 -3.50 22.16
CA THR A 155 -10.83 -2.15 21.67
C THR A 155 -12.26 -1.74 22.00
N MET A 156 -13.21 -2.63 21.70
CA MET A 156 -14.63 -2.49 22.06
CA MET A 156 -14.61 -2.43 22.04
C MET A 156 -14.80 -2.17 23.53
N SER A 157 -14.20 -3.01 24.38
CA SER A 157 -14.35 -2.85 25.84
C SER A 157 -13.73 -1.55 26.35
N PHE A 158 -12.57 -1.21 25.80
CA PHE A 158 -11.82 -0.01 26.17
C PHE A 158 -12.65 1.23 25.85
N ALA A 159 -13.14 1.29 24.61
CA ALA A 159 -13.93 2.43 24.15
C ALA A 159 -15.23 2.59 24.95
N GLN A 160 -15.93 1.46 25.18
CA GLN A 160 -17.22 1.53 25.85
CA GLN A 160 -17.23 1.46 25.87
C GLN A 160 -17.12 1.98 27.30
N ARG A 161 -15.97 1.71 27.93
CA ARG A 161 -15.70 2.07 29.32
CA ARG A 161 -15.75 2.08 29.32
C ARG A 161 -15.38 3.55 29.52
N GLN A 162 -15.09 4.26 28.42
CA GLN A 162 -14.76 5.69 28.50
C GLN A 162 -16.01 6.54 28.55
N SER A 172 -7.62 14.71 28.58
CA SER A 172 -6.90 13.43 28.64
C SER A 172 -6.22 13.08 27.31
N ASN A 173 -5.66 11.88 27.25
CA ASN A 173 -4.89 11.41 26.10
C ASN A 173 -5.01 9.88 25.96
N LEU A 174 -6.18 9.47 25.48
CA LEU A 174 -6.51 8.05 25.32
C LEU A 174 -6.00 7.54 23.98
N SER A 175 -5.35 6.39 23.98
CA SER A 175 -4.99 5.80 22.69
C SER A 175 -4.77 4.31 22.78
N ILE A 176 -4.80 3.69 21.61
CA ILE A 176 -4.54 2.28 21.45
C ILE A 176 -3.39 2.16 20.47
N VAL A 177 -2.48 1.23 20.77
CA VAL A 177 -1.35 0.85 19.87
C VAL A 177 -1.43 -0.66 19.58
N ASN A 178 -1.52 -1.00 18.31
CA ASN A 178 -1.56 -2.40 17.87
C ASN A 178 -0.19 -2.81 17.33
N LEU A 179 0.34 -3.95 17.80
CA LEU A 179 1.62 -4.45 17.28
C LEU A 179 1.37 -5.23 16.00
N CYS A 180 1.88 -4.66 14.91
CA CYS A 180 1.57 -5.14 13.57
C CYS A 180 2.80 -5.91 13.06
N ASP A 181 3.10 -5.85 11.77
CA ASP A 181 4.22 -6.63 11.19
C ASP A 181 4.65 -5.94 9.91
N ALA A 182 5.92 -5.52 9.85
CA ALA A 182 6.43 -4.79 8.70
C ALA A 182 6.50 -5.69 7.46
N MET A 183 6.46 -7.01 7.65
CA MET A 183 6.56 -7.92 6.53
C MET A 183 5.22 -8.48 6.07
N VAL A 184 4.12 -7.84 6.43
CA VAL A 184 2.78 -8.32 6.05
C VAL A 184 2.58 -8.51 4.56
N ASP A 185 3.26 -7.71 3.75
CA ASP A 185 3.14 -7.86 2.29
C ASP A 185 4.18 -8.72 1.60
N GLN A 186 5.12 -9.23 2.39
CA GLN A 186 6.12 -10.20 1.92
C GLN A 186 6.18 -11.31 2.97
N PRO A 187 5.08 -12.06 3.10
CA PRO A 187 4.92 -12.87 4.32
C PRO A 187 5.85 -14.11 4.37
N CYS A 188 6.08 -14.62 5.58
CA CYS A 188 6.74 -15.91 5.75
C CYS A 188 5.94 -16.97 5.00
N MET A 189 6.65 -17.84 4.29
CA MET A 189 6.07 -18.97 3.59
C MET A 189 5.36 -19.91 4.60
N ALA A 190 4.14 -20.31 4.26
CA ALA A 190 3.34 -21.25 5.06
C ALA A 190 2.77 -20.65 6.35
N PHE A 191 2.70 -19.32 6.42
CA PHE A 191 2.15 -18.62 7.60
C PHE A 191 0.86 -17.88 7.24
N SER A 192 0.02 -18.51 6.41
CA SER A 192 -1.18 -17.82 5.92
CA SER A 192 -1.22 -17.88 5.93
C SER A 192 -2.10 -17.33 7.05
N LEU A 193 -2.38 -18.17 8.04
CA LEU A 193 -3.27 -17.75 9.11
C LEU A 193 -2.66 -16.63 9.94
N TYR A 194 -1.38 -16.76 10.29
CA TYR A 194 -0.68 -15.66 10.99
C TYR A 194 -0.82 -14.36 10.17
N ASN A 195 -0.52 -14.41 8.88
CA ASN A 195 -0.54 -13.22 8.00
C ASN A 195 -1.94 -12.63 7.89
N MET A 196 -2.92 -13.52 7.78
CA MET A 196 -4.32 -13.09 7.76
C MET A 196 -4.68 -12.30 9.02
N GLY A 197 -4.25 -12.82 10.17
CA GLY A 197 -4.52 -12.13 11.46
C GLY A 197 -3.89 -10.76 11.51
N LYS A 198 -2.66 -10.64 11.05
CA LYS A 198 -1.96 -9.34 11.07
C LYS A 198 -2.53 -8.34 10.05
N HIS A 199 -2.96 -8.84 8.91
CA HIS A 199 -3.69 -8.00 7.97
C HIS A 199 -5.02 -7.53 8.58
N ALA A 200 -5.77 -8.43 9.24
CA ALA A 200 -7.02 -8.02 9.91
C ALA A 200 -6.70 -6.93 10.95
N LEU A 201 -5.55 -7.06 11.61
CA LEU A 201 -5.16 -6.05 12.62
C LEU A 201 -4.89 -4.67 12.00
N VAL A 202 -4.40 -4.64 10.77
CA VAL A 202 -4.25 -3.35 10.06
C VAL A 202 -5.64 -2.72 9.82
N GLY A 203 -6.57 -3.55 9.36
CA GLY A 203 -7.96 -3.19 9.14
C GLY A 203 -8.61 -2.64 10.41
N LEU A 204 -8.39 -3.31 11.53
CA LEU A 204 -8.88 -2.85 12.82
C LEU A 204 -8.29 -1.50 13.22
N THR A 205 -6.98 -1.37 13.04
CA THR A 205 -6.28 -0.12 13.40
C THR A 205 -6.95 1.04 12.63
N GLN A 206 -7.13 0.84 11.33
CA GLN A 206 -7.77 1.86 10.49
C GLN A 206 -9.24 2.10 10.81
N SER A 207 -10.02 1.02 10.93
CA SER A 207 -11.46 1.15 11.18
C SER A 207 -11.70 1.80 12.54
N ALA A 208 -10.93 1.38 13.55
CA ALA A 208 -11.09 1.92 14.89
C ALA A 208 -10.60 3.37 15.00
N ALA A 209 -9.53 3.70 14.28
CA ALA A 209 -9.07 5.09 14.19
C ALA A 209 -10.22 5.98 13.70
N LEU A 210 -10.86 5.58 12.60
CA LEU A 210 -11.98 6.37 12.03
C LEU A 210 -13.14 6.52 13.01
N GLU A 211 -13.54 5.39 13.62
CA GLU A 211 -14.78 5.35 14.41
C GLU A 211 -14.65 6.01 15.78
N LEU A 212 -13.45 5.91 16.36
CA LEU A 212 -13.19 6.37 17.71
C LEU A 212 -12.60 7.80 17.78
N ALA A 213 -12.26 8.35 16.61
CA ALA A 213 -11.73 9.72 16.51
C ALA A 213 -12.64 10.74 17.18
N PRO A 214 -13.98 10.64 16.98
CA PRO A 214 -14.92 11.53 17.67
C PRO A 214 -14.86 11.48 19.20
N TYR A 215 -14.43 10.35 19.76
CA TYR A 215 -14.34 10.21 21.22
C TYR A 215 -12.97 10.58 21.75
N GLY A 216 -12.10 11.11 20.86
CA GLY A 216 -10.75 11.52 21.24
C GLY A 216 -9.80 10.35 21.47
N ILE A 217 -10.21 9.16 21.04
CA ILE A 217 -9.33 7.99 21.13
C ILE A 217 -8.56 7.78 19.82
N ARG A 218 -7.21 7.84 19.90
CA ARG A 218 -6.37 7.62 18.74
C ARG A 218 -6.03 6.13 18.68
N VAL A 219 -5.84 5.61 17.49
CA VAL A 219 -5.56 4.17 17.27
C VAL A 219 -4.47 4.07 16.21
N ASN A 220 -3.33 3.48 16.60
CA ASN A 220 -2.15 3.43 15.74
C ASN A 220 -1.47 2.08 15.84
N GLY A 221 -0.45 1.85 15.02
CA GLY A 221 0.21 0.57 15.00
C GLY A 221 1.71 0.78 15.02
N VAL A 222 2.41 -0.21 15.55
CA VAL A 222 3.84 -0.29 15.41
C VAL A 222 4.14 -1.62 14.72
N ALA A 223 4.95 -1.58 13.64
CA ALA A 223 5.22 -2.78 12.84
C ALA A 223 6.71 -3.15 12.85
N PRO A 224 7.11 -4.08 13.75
CA PRO A 224 8.48 -4.58 13.84
C PRO A 224 8.85 -5.37 12.58
N GLY A 225 10.14 -5.39 12.22
CA GLY A 225 10.66 -6.29 11.18
C GLY A 225 11.12 -7.59 11.83
N VAL A 226 12.42 -7.72 12.11
N VAL A 226 12.43 -7.72 12.04
CA VAL A 226 12.90 -8.78 12.99
CA VAL A 226 12.94 -8.75 12.93
C VAL A 226 13.32 -8.16 14.31
C VAL A 226 13.41 -8.08 14.20
N SER A 227 13.05 -8.87 15.41
N SER A 227 12.80 -8.47 15.31
CA SER A 227 13.23 -8.29 16.75
CA SER A 227 13.21 -8.00 16.61
C SER A 227 13.57 -9.34 17.77
C SER A 227 13.67 -9.22 17.37
N LEU A 228 14.66 -9.09 18.51
N LEU A 228 13.56 -9.20 18.69
CA LEU A 228 15.06 -9.93 19.63
CA LEU A 228 14.02 -10.32 19.47
C LEU A 228 15.01 -11.41 19.27
C LEU A 228 13.72 -11.60 18.70
N LEU A 229 15.98 -11.86 18.49
N LEU A 229 14.72 -12.47 18.58
CA LEU A 229 16.04 -13.25 18.09
CA LEU A 229 14.61 -13.66 17.74
C LEU A 229 16.35 -14.10 19.31
C LEU A 229 13.94 -14.87 18.40
N PRO A 230 15.58 -15.18 19.51
N PRO A 230 14.21 -16.05 17.84
CA PRO A 230 15.82 -16.04 20.66
CA PRO A 230 13.53 -17.32 18.09
C PRO A 230 17.16 -16.75 20.59
C PRO A 230 14.07 -18.13 19.26
N VAL A 231 17.80 -16.95 21.73
N VAL A 231 13.25 -18.31 20.28
CA VAL A 231 19.05 -17.68 21.77
CA VAL A 231 13.59 -19.25 21.34
C VAL A 231 18.82 -19.09 21.23
C VAL A 231 13.92 -20.59 20.70
N ALA A 232 17.63 -19.62 21.48
N ALA A 232 13.06 -21.03 19.78
CA ALA A 232 17.28 -20.96 21.05
CA ALA A 232 13.26 -22.26 19.06
C ALA A 232 17.49 -21.13 19.54
C ALA A 232 13.97 -22.03 17.72
N MET A 233 16.99 -20.18 18.77
N MET A 233 13.72 -20.89 17.09
CA MET A 233 17.08 -20.24 17.31
CA MET A 233 14.37 -20.57 15.82
C MET A 233 18.49 -20.60 16.86
C MET A 233 15.86 -20.93 15.85
N GLY A 234 18.59 -21.27 15.71
N GLY A 234 16.29 -21.63 14.80
CA GLY A 234 19.88 -21.69 15.18
CA GLY A 234 17.70 -22.00 14.65
C GLY A 234 20.80 -20.53 14.84
C GLY A 234 18.65 -20.85 14.90
N GLU A 235 22.10 -20.80 14.84
N GLU A 235 19.80 -21.18 15.50
CA GLU A 235 23.11 -19.79 14.56
CA GLU A 235 20.81 -20.19 15.85
C GLU A 235 23.13 -19.43 13.08
C GLU A 235 21.57 -19.71 14.61
N GLU A 236 22.72 -20.37 12.25
N GLU A 236 21.70 -20.58 13.62
CA GLU A 236 22.60 -20.16 10.81
CA GLU A 236 22.35 -20.22 12.35
C GLU A 236 21.35 -19.34 10.51
C GLU A 236 21.36 -19.49 11.43
N GLU A 237 20.23 -19.73 11.10
N GLU A 237 20.07 -19.77 11.62
CA GLU A 237 18.97 -19.03 10.91
CA GLU A 237 19.04 -19.03 10.91
C GLU A 237 19.02 -17.56 11.36
C GLU A 237 19.04 -17.56 11.36
N LYS A 238 19.60 -17.32 12.54
CA LYS A 238 19.68 -15.95 13.10
C LYS A 238 20.58 -15.05 12.24
N ASP A 239 21.72 -15.58 11.83
CA ASP A 239 22.65 -14.87 10.94
C ASP A 239 21.97 -14.53 9.63
N LYS A 240 21.16 -15.48 9.13
CA LYS A 240 20.50 -15.33 7.85
C LYS A 240 19.61 -14.09 7.92
N TRP A 241 18.81 -14.00 8.99
CA TRP A 241 17.90 -12.86 9.18
C TRP A 241 18.65 -11.55 9.42
N ARG A 242 19.65 -11.58 10.29
CA ARG A 242 20.45 -10.40 10.61
C ARG A 242 21.10 -9.79 9.40
N ARG A 243 21.70 -10.61 8.56
CA ARG A 243 22.47 -10.10 7.42
C ARG A 243 21.58 -9.47 6.34
N LYS A 244 20.27 -9.70 6.44
CA LYS A 244 19.27 -9.09 5.54
C LYS A 244 18.90 -7.63 5.90
N VAL A 245 19.09 -7.23 7.16
CA VAL A 245 18.66 -5.92 7.65
C VAL A 245 19.66 -4.84 7.21
N PRO A 246 19.24 -3.92 6.31
CA PRO A 246 20.18 -2.89 5.82
C PRO A 246 20.82 -2.05 6.93
N LEU A 247 20.05 -1.71 7.95
CA LEU A 247 20.51 -0.79 8.98
C LEU A 247 21.14 -1.56 10.14
N GLY A 248 22.43 -1.84 9.98
CA GLY A 248 23.26 -2.44 11.04
C GLY A 248 23.36 -3.96 11.03
N ARG A 249 22.65 -4.63 10.12
CA ARG A 249 22.71 -6.09 10.00
C ARG A 249 22.43 -6.78 11.33
N ARG A 250 21.43 -6.26 12.03
CA ARG A 250 21.03 -6.79 13.32
C ARG A 250 19.54 -6.58 13.51
N GLU A 251 18.96 -7.39 14.38
CA GLU A 251 17.56 -7.27 14.75
C GLU A 251 17.35 -6.05 15.65
N ALA A 252 16.09 -5.61 15.75
CA ALA A 252 15.70 -4.58 16.70
C ALA A 252 15.78 -5.09 18.13
N SER A 253 16.12 -4.23 19.09
CA SER A 253 15.93 -4.59 20.50
C SER A 253 14.47 -4.37 20.87
N ALA A 254 14.00 -5.03 21.93
CA ALA A 254 12.63 -4.79 22.40
C ALA A 254 12.42 -3.32 22.76
N GLU A 255 13.44 -2.69 23.36
CA GLU A 255 13.37 -1.27 23.73
C GLU A 255 13.14 -0.34 22.53
N GLN A 256 13.78 -0.66 21.39
CA GLN A 256 13.59 0.16 20.18
C GLN A 256 12.15 0.05 19.67
N ILE A 257 11.56 -1.14 19.77
CA ILE A 257 10.14 -1.31 19.43
C ILE A 257 9.30 -0.51 20.42
N ALA A 258 9.59 -0.65 21.72
CA ALA A 258 8.89 0.12 22.76
C ALA A 258 8.98 1.63 22.57
N ASP A 259 10.10 2.12 22.05
CA ASP A 259 10.27 3.59 21.82
C ASP A 259 9.18 4.15 20.90
N ALA A 260 8.81 3.36 19.88
CA ALA A 260 7.79 3.80 18.91
C ALA A 260 6.41 3.77 19.54
N VAL A 261 6.17 2.80 20.42
CA VAL A 261 4.92 2.75 21.18
C VAL A 261 4.80 3.99 22.08
N ILE A 262 5.86 4.28 22.84
CA ILE A 262 5.92 5.45 23.72
C ILE A 262 5.62 6.75 22.97
N PHE A 263 6.21 6.91 21.78
CA PHE A 263 5.95 8.10 20.96
C PHE A 263 4.46 8.20 20.64
N LEU A 264 3.88 7.11 20.16
CA LEU A 264 2.48 7.11 19.72
C LEU A 264 1.49 7.41 20.85
N VAL A 265 1.80 6.98 22.07
CA VAL A 265 0.89 7.26 23.19
C VAL A 265 1.10 8.69 23.74
N SER A 266 2.24 9.30 23.40
CA SER A 266 2.64 10.59 23.98
C SER A 266 1.88 11.78 23.40
N GLY A 267 2.05 12.93 24.06
CA GLY A 267 1.51 14.20 23.59
C GLY A 267 2.16 14.67 22.30
N SER A 268 3.27 14.05 21.93
CA SER A 268 3.93 14.41 20.68
C SER A 268 3.27 13.78 19.45
N ALA A 269 2.25 12.95 19.68
CA ALA A 269 1.54 12.25 18.62
C ALA A 269 0.04 12.56 18.63
N GLN A 270 -0.31 13.71 19.20
CA GLN A 270 -1.71 14.09 19.43
CA GLN A 270 -1.71 14.08 19.44
C GLN A 270 -2.58 14.18 18.18
N TYR A 271 -1.96 14.36 17.01
CA TYR A 271 -2.72 14.47 15.77
C TYR A 271 -2.63 13.19 14.93
N ILE A 272 -1.93 12.20 15.46
CA ILE A 272 -1.65 10.96 14.75
C ILE A 272 -2.68 9.91 15.08
N THR A 273 -3.46 9.53 14.07
CA THR A 273 -4.38 8.39 14.23
C THR A 273 -4.49 7.62 12.91
N GLY A 274 -4.59 6.29 13.02
CA GLY A 274 -4.64 5.40 11.83
C GLY A 274 -3.29 5.20 11.14
N SER A 275 -2.21 5.57 11.84
CA SER A 275 -0.89 5.47 11.27
C SER A 275 -0.23 4.21 11.80
N ILE A 276 0.51 3.53 10.94
CA ILE A 276 1.33 2.40 11.34
C ILE A 276 2.82 2.69 11.07
N ILE A 277 3.59 2.76 12.14
CA ILE A 277 5.00 3.11 12.03
C ILE A 277 5.82 1.82 11.94
N LYS A 278 6.48 1.60 10.78
CA LYS A 278 7.45 0.50 10.68
C LYS A 278 8.69 0.79 11.52
N VAL A 279 9.16 -0.23 12.25
CA VAL A 279 10.43 -0.18 12.99
C VAL A 279 11.20 -1.43 12.58
N ASP A 280 11.83 -1.36 11.41
CA ASP A 280 12.32 -2.57 10.76
C ASP A 280 13.72 -2.47 10.16
N GLY A 281 14.37 -1.33 10.39
CA GLY A 281 15.74 -1.15 9.91
C GLY A 281 15.83 -1.29 8.39
N GLY A 282 14.72 -1.01 7.69
CA GLY A 282 14.69 -1.12 6.22
C GLY A 282 14.50 -2.53 5.66
N LEU A 283 14.22 -3.50 6.51
CA LEU A 283 14.06 -4.89 6.08
C LEU A 283 13.03 -5.10 4.98
N SER A 284 11.87 -4.45 5.10
CA SER A 284 10.78 -4.59 4.14
C SER A 284 11.07 -3.99 2.76
N LEU A 285 12.15 -3.22 2.66
CA LEU A 285 12.53 -2.57 1.40
C LEU A 285 13.41 -3.49 0.56
N VAL A 286 13.83 -4.60 1.13
CA VAL A 286 14.88 -5.42 0.48
C VAL A 286 14.23 -6.49 -0.41
N HIS A 287 14.51 -6.44 -1.71
CA HIS A 287 13.91 -7.44 -2.61
C HIS A 287 14.48 -8.84 -2.42
N ALA A 288 13.82 -9.84 -2.96
CA ALA A 288 14.30 -11.22 -2.93
C ALA A 288 15.63 -11.35 -3.66
N GLU B 22 -12.27 -33.09 -21.75
CA GLU B 22 -13.16 -32.80 -20.59
C GLU B 22 -13.23 -31.30 -20.35
N ALA B 23 -14.41 -30.80 -20.01
CA ALA B 23 -14.59 -29.39 -19.64
C ALA B 23 -14.08 -29.14 -18.22
N PRO B 24 -13.41 -28.00 -17.99
CA PRO B 24 -12.98 -27.68 -16.63
C PRO B 24 -14.17 -27.37 -15.72
N ALA B 25 -13.96 -27.44 -14.40
CA ALA B 25 -15.03 -27.21 -13.43
C ALA B 25 -14.63 -26.13 -12.42
N ALA B 26 -15.62 -25.34 -12.00
CA ALA B 26 -15.41 -24.24 -11.06
C ALA B 26 -16.39 -24.27 -9.91
N VAL B 27 -15.90 -23.91 -8.73
CA VAL B 27 -16.74 -23.67 -7.57
C VAL B 27 -16.87 -22.15 -7.38
N VAL B 28 -18.12 -21.67 -7.31
CA VAL B 28 -18.40 -20.28 -6.97
C VAL B 28 -19.26 -20.23 -5.70
N THR B 29 -18.73 -19.62 -4.65
CA THR B 29 -19.47 -19.45 -3.39
C THR B 29 -20.42 -18.26 -3.47
N GLY B 30 -21.57 -18.37 -2.81
CA GLY B 30 -22.60 -17.34 -2.78
C GLY B 30 -23.06 -16.98 -4.20
N ALA B 31 -23.30 -18.01 -5.00
CA ALA B 31 -23.51 -17.85 -6.46
C ALA B 31 -24.98 -17.87 -6.92
N ALA B 32 -25.91 -17.89 -5.97
CA ALA B 32 -27.34 -17.92 -6.31
C ALA B 32 -27.81 -16.60 -6.95
N LYS B 33 -27.23 -15.48 -6.53
CA LYS B 33 -27.65 -14.17 -7.00
C LYS B 33 -26.48 -13.23 -7.25
N ARG B 34 -26.82 -12.09 -7.85
CA ARG B 34 -25.98 -10.90 -7.88
C ARG B 34 -24.62 -11.16 -8.52
N ILE B 35 -23.53 -10.81 -7.84
CA ILE B 35 -22.21 -10.94 -8.43
C ILE B 35 -21.75 -12.39 -8.59
N GLY B 36 -22.00 -13.22 -7.56
CA GLY B 36 -21.71 -14.66 -7.66
C GLY B 36 -22.42 -15.34 -8.84
N ARG B 37 -23.70 -15.04 -9.02
CA ARG B 37 -24.40 -15.59 -10.18
C ARG B 37 -23.78 -15.12 -11.49
N ALA B 38 -23.45 -13.84 -11.59
CA ALA B 38 -22.83 -13.29 -12.81
C ALA B 38 -21.52 -14.02 -13.14
N ILE B 39 -20.72 -14.28 -12.11
CA ILE B 39 -19.50 -15.05 -12.25
C ILE B 39 -19.78 -16.49 -12.70
N ALA B 40 -20.72 -17.16 -12.02
CA ALA B 40 -21.09 -18.52 -12.40
C ALA B 40 -21.56 -18.57 -13.85
N VAL B 41 -22.40 -17.63 -14.23
CA VAL B 41 -22.97 -17.59 -15.57
C VAL B 41 -21.87 -17.39 -16.61
N LYS B 42 -20.95 -16.45 -16.32
CA LYS B 42 -19.83 -16.16 -17.20
C LYS B 42 -18.86 -17.33 -17.37
N LEU B 43 -18.50 -18.00 -16.26
CA LEU B 43 -17.67 -19.19 -16.34
C LEU B 43 -18.32 -20.29 -17.19
N HIS B 44 -19.60 -20.51 -16.95
CA HIS B 44 -20.38 -21.51 -17.70
C HIS B 44 -20.36 -21.21 -19.20
N GLN B 45 -20.57 -19.94 -19.55
CA GLN B 45 -20.51 -19.49 -20.93
C GLN B 45 -19.14 -19.68 -21.58
N THR B 46 -18.08 -19.54 -20.80
CA THR B 46 -16.71 -19.78 -21.25
C THR B 46 -16.42 -21.29 -21.36
N GLY B 47 -17.35 -22.12 -20.91
CA GLY B 47 -17.23 -23.58 -21.07
C GLY B 47 -17.07 -24.39 -19.80
N TYR B 48 -17.07 -23.72 -18.65
CA TYR B 48 -16.94 -24.39 -17.34
C TYR B 48 -18.22 -25.10 -16.89
N ARG B 49 -18.03 -26.22 -16.20
CA ARG B 49 -19.09 -26.81 -15.38
C ARG B 49 -18.97 -26.17 -14.00
N VAL B 50 -20.11 -25.86 -13.36
CA VAL B 50 -20.11 -25.03 -12.15
C VAL B 50 -20.83 -25.63 -10.95
N VAL B 51 -20.22 -25.49 -9.78
CA VAL B 51 -20.89 -25.73 -8.52
C VAL B 51 -21.39 -24.38 -8.04
N ILE B 52 -22.72 -24.27 -7.92
CA ILE B 52 -23.35 -23.06 -7.41
C ILE B 52 -23.54 -23.23 -5.90
N HIS B 53 -22.59 -22.73 -5.11
CA HIS B 53 -22.77 -22.75 -3.67
C HIS B 53 -23.77 -21.66 -3.25
N TYR B 54 -24.58 -21.96 -2.24
CA TYR B 54 -25.49 -20.99 -1.65
C TYR B 54 -25.71 -21.25 -0.16
N HIS B 55 -26.32 -20.31 0.54
CA HIS B 55 -26.59 -20.49 1.96
C HIS B 55 -28.10 -20.56 2.18
N ASN B 56 -28.78 -19.41 2.08
CA ASN B 56 -30.22 -19.35 2.25
C ASN B 56 -30.99 -19.37 0.93
N SER B 57 -30.37 -18.91 -0.16
CA SER B 57 -31.10 -18.70 -1.42
C SER B 57 -31.28 -19.97 -2.25
N ALA B 58 -32.04 -20.91 -1.69
CA ALA B 58 -32.24 -22.23 -2.27
C ALA B 58 -32.93 -22.17 -3.62
N GLU B 59 -34.06 -21.46 -3.67
CA GLU B 59 -34.84 -21.31 -4.89
C GLU B 59 -34.02 -20.69 -6.02
N ALA B 60 -33.29 -19.63 -5.70
CA ALA B 60 -32.49 -18.92 -6.70
C ALA B 60 -31.35 -19.79 -7.23
N ALA B 61 -30.71 -20.55 -6.34
CA ALA B 61 -29.63 -21.47 -6.70
C ALA B 61 -30.12 -22.58 -7.65
N VAL B 62 -31.18 -23.27 -7.26
CA VAL B 62 -31.78 -24.34 -8.06
C VAL B 62 -32.20 -23.80 -9.42
N SER B 63 -32.81 -22.62 -9.40
CA SER B 63 -33.26 -21.97 -10.62
C SER B 63 -32.11 -21.71 -11.59
N LEU B 64 -30.96 -21.25 -11.07
CA LEU B 64 -29.79 -20.99 -11.92
C LEU B 64 -29.21 -22.28 -12.50
N ALA B 65 -29.06 -23.29 -11.65
CA ALA B 65 -28.61 -24.62 -12.07
C ALA B 65 -29.47 -25.16 -13.20
N ASP B 66 -30.79 -24.97 -13.07
CA ASP B 66 -31.76 -25.41 -14.07
C ASP B 66 -31.57 -24.73 -15.43
N GLU B 67 -31.40 -23.42 -15.41
CA GLU B 67 -31.17 -22.62 -16.61
C GLU B 67 -29.83 -22.97 -17.29
N LEU B 68 -28.80 -23.20 -16.50
CA LEU B 68 -27.49 -23.59 -17.03
C LEU B 68 -27.48 -25.01 -17.61
N ASN B 69 -28.15 -25.95 -16.92
CA ASN B 69 -28.32 -27.32 -17.42
C ASN B 69 -29.20 -27.42 -18.66
N LYS B 70 -30.11 -26.46 -18.81
CA LYS B 70 -30.96 -26.34 -20.00
C LYS B 70 -30.09 -25.93 -21.20
N GLU B 71 -29.08 -25.10 -20.93
N GLU B 71 -29.08 -25.11 -20.93
CA GLU B 71 -28.11 -24.71 -21.95
CA GLU B 71 -28.11 -24.71 -21.94
C GLU B 71 -27.17 -25.87 -22.32
C GLU B 71 -27.17 -25.86 -22.31
N ARG B 72 -26.60 -26.50 -21.30
CA ARG B 72 -25.72 -27.67 -21.49
C ARG B 72 -26.01 -28.69 -20.41
N SER B 73 -26.41 -29.89 -20.82
N SER B 73 -26.41 -29.88 -20.84
CA SER B 73 -26.82 -30.93 -19.89
CA SER B 73 -26.79 -30.97 -19.93
C SER B 73 -25.70 -31.39 -18.97
C SER B 73 -25.66 -31.33 -18.96
N ASN B 74 -26.02 -31.55 -17.69
CA ASN B 74 -25.08 -31.99 -16.64
C ASN B 74 -23.84 -31.11 -16.44
N THR B 75 -24.05 -29.80 -16.45
CA THR B 75 -22.94 -28.87 -16.29
C THR B 75 -23.08 -27.97 -15.07
N ALA B 76 -24.09 -28.19 -14.24
CA ALA B 76 -24.25 -27.38 -13.03
C ALA B 76 -24.88 -28.18 -11.90
N VAL B 77 -24.41 -27.95 -10.68
CA VAL B 77 -25.02 -28.51 -9.47
C VAL B 77 -25.03 -27.46 -8.39
N VAL B 78 -25.97 -27.56 -7.46
CA VAL B 78 -25.96 -26.67 -6.29
C VAL B 78 -25.30 -27.36 -5.10
N CYS B 79 -24.88 -26.56 -4.14
CA CYS B 79 -24.25 -27.09 -2.95
C CYS B 79 -24.48 -26.13 -1.80
N GLN B 80 -25.26 -26.57 -0.81
CA GLN B 80 -25.62 -25.75 0.35
C GLN B 80 -24.57 -25.85 1.46
N ALA B 81 -24.18 -24.69 1.99
CA ALA B 81 -23.28 -24.62 3.15
C ALA B 81 -23.34 -23.26 3.83
N ASP B 82 -23.42 -23.28 5.16
CA ASP B 82 -23.20 -22.09 6.00
C ASP B 82 -21.68 -21.90 6.12
N LEU B 83 -21.21 -20.69 5.82
CA LEU B 83 -19.78 -20.39 5.89
C LEU B 83 -19.37 -19.53 7.10
N THR B 84 -20.28 -19.44 8.08
CA THR B 84 -19.98 -18.87 9.38
C THR B 84 -18.86 -19.69 10.04
N ASN B 85 -17.93 -19.01 10.71
CA ASN B 85 -16.89 -19.71 11.45
C ASN B 85 -17.48 -20.60 12.54
N SER B 86 -16.96 -21.82 12.63
CA SER B 86 -17.28 -22.74 13.71
C SER B 86 -16.26 -23.86 13.62
N ASN B 87 -16.30 -24.78 14.59
CA ASN B 87 -15.42 -25.95 14.55
C ASN B 87 -15.71 -26.95 13.41
N VAL B 88 -16.88 -26.84 12.78
N VAL B 88 -16.89 -26.85 12.79
CA VAL B 88 -17.22 -27.71 11.64
CA VAL B 88 -17.27 -27.70 11.65
C VAL B 88 -17.00 -27.04 10.28
C VAL B 88 -16.91 -27.06 10.30
N LEU B 89 -16.63 -25.76 10.30
CA LEU B 89 -16.34 -25.03 9.06
C LEU B 89 -15.30 -25.73 8.16
N PRO B 90 -14.19 -26.25 8.73
CA PRO B 90 -13.27 -26.98 7.85
C PRO B 90 -13.94 -28.15 7.10
N ALA B 91 -14.78 -28.92 7.79
CA ALA B 91 -15.54 -30.00 7.17
C ALA B 91 -16.49 -29.51 6.07
N SER B 92 -17.17 -28.39 6.33
CA SER B 92 -18.09 -27.79 5.36
C SER B 92 -17.37 -27.34 4.10
N CYS B 93 -16.18 -26.75 4.28
CA CYS B 93 -15.43 -26.24 3.13
C CYS B 93 -14.84 -27.40 2.32
N GLU B 94 -14.36 -28.42 3.03
N GLU B 94 -14.34 -28.41 3.04
CA GLU B 94 -13.87 -29.65 2.43
CA GLU B 94 -13.87 -29.64 2.43
C GLU B 94 -14.97 -30.31 1.60
C GLU B 94 -14.98 -30.28 1.58
N GLU B 95 -16.21 -30.25 2.11
CA GLU B 95 -17.37 -30.86 1.45
C GLU B 95 -17.80 -30.10 0.17
N ILE B 96 -17.64 -28.77 0.19
CA ILE B 96 -17.87 -27.97 -1.01
C ILE B 96 -16.90 -28.38 -2.14
N ILE B 97 -15.62 -28.45 -1.82
CA ILE B 97 -14.63 -28.92 -2.80
C ILE B 97 -14.93 -30.36 -3.22
N ASN B 98 -15.21 -31.22 -2.25
CA ASN B 98 -15.64 -32.60 -2.53
C ASN B 98 -16.83 -32.72 -3.48
N SER B 99 -17.77 -31.78 -3.37
CA SER B 99 -18.98 -31.80 -4.21
CA SER B 99 -18.97 -31.81 -4.20
C SER B 99 -18.65 -31.52 -5.68
N CYS B 100 -17.64 -30.68 -5.93
CA CYS B 100 -17.18 -30.43 -7.29
C CYS B 100 -16.58 -31.70 -7.90
N PHE B 101 -15.74 -32.39 -7.15
CA PHE B 101 -15.15 -33.66 -7.60
C PHE B 101 -16.19 -34.77 -7.79
N ARG B 102 -17.17 -34.83 -6.89
CA ARG B 102 -18.31 -35.77 -7.01
C ARG B 102 -19.10 -35.57 -8.29
N ALA B 103 -19.40 -34.31 -8.62
CA ALA B 103 -20.21 -34.00 -9.79
C ALA B 103 -19.38 -34.05 -11.08
N PHE B 104 -18.16 -33.52 -11.04
CA PHE B 104 -17.41 -33.27 -12.27
C PHE B 104 -16.07 -33.99 -12.42
N GLY B 105 -15.61 -34.65 -11.36
CA GLY B 105 -14.36 -35.41 -11.42
C GLY B 105 -13.11 -34.56 -11.34
N ARG B 106 -13.29 -33.26 -11.13
CA ARG B 106 -12.19 -32.28 -11.13
C ARG B 106 -12.64 -30.96 -10.54
N CYS B 107 -11.67 -30.14 -10.17
CA CYS B 107 -11.94 -28.80 -9.68
C CYS B 107 -10.78 -27.88 -10.07
N ASP B 108 -11.02 -27.05 -11.07
CA ASP B 108 -9.99 -26.20 -11.68
C ASP B 108 -9.94 -24.78 -11.12
N VAL B 109 -11.10 -24.24 -10.74
CA VAL B 109 -11.23 -22.85 -10.33
C VAL B 109 -12.07 -22.74 -9.06
N LEU B 110 -11.60 -21.95 -8.11
CA LEU B 110 -12.37 -21.63 -6.93
C LEU B 110 -12.56 -20.12 -6.86
N VAL B 111 -13.82 -19.67 -6.76
CA VAL B 111 -14.11 -18.23 -6.59
C VAL B 111 -14.75 -17.97 -5.23
N ASN B 112 -14.00 -17.26 -4.37
CA ASN B 112 -14.48 -16.92 -3.04
C ASN B 112 -15.29 -15.61 -3.07
N ASN B 113 -16.61 -15.76 -3.20
CA ASN B 113 -17.51 -14.64 -3.41
C ASN B 113 -18.45 -14.36 -2.24
N ALA B 114 -18.93 -15.40 -1.57
CA ALA B 114 -19.87 -15.25 -0.47
C ALA B 114 -19.33 -14.30 0.60
N SER B 115 -20.21 -13.47 1.16
CA SER B 115 -19.77 -12.47 2.11
C SER B 115 -20.93 -11.98 2.96
N ALA B 116 -20.73 -11.93 4.27
CA ALA B 116 -21.65 -11.20 5.17
C ALA B 116 -21.16 -9.76 5.23
N PHE B 117 -22.09 -8.82 5.32
CA PHE B 117 -21.74 -7.39 5.31
C PHE B 117 -22.80 -6.64 6.09
N TYR B 118 -22.44 -6.16 7.27
CA TYR B 118 -23.32 -5.35 8.09
C TYR B 118 -22.50 -4.67 9.17
N PRO B 119 -23.02 -3.56 9.75
CA PRO B 119 -22.25 -2.81 10.75
C PRO B 119 -22.08 -3.59 12.06
N THR B 120 -20.93 -3.38 12.71
CA THR B 120 -20.69 -3.85 14.07
C THR B 120 -20.00 -2.73 14.84
N PRO B 121 -20.79 -1.75 15.33
CA PRO B 121 -20.25 -0.57 16.02
C PRO B 121 -19.40 -0.95 17.23
N LEU B 122 -18.29 -0.22 17.43
CA LEU B 122 -17.44 -0.44 18.61
C LEU B 122 -18.07 0.10 19.90
N VAL B 123 -18.89 1.15 19.77
CA VAL B 123 -19.52 1.79 20.94
C VAL B 123 -21.04 1.84 20.81
N GLY B 133 -30.19 -8.28 16.64
CA GLY B 133 -30.11 -8.97 17.92
C GLY B 133 -28.96 -9.96 18.03
N LYS B 134 -28.03 -9.90 17.07
CA LYS B 134 -26.87 -10.81 17.03
C LYS B 134 -25.87 -10.48 18.11
N THR B 135 -25.40 -11.51 18.80
CA THR B 135 -24.33 -11.39 19.79
C THR B 135 -23.02 -11.03 19.10
N VAL B 136 -22.08 -10.43 19.83
CA VAL B 136 -20.77 -10.14 19.23
C VAL B 136 -20.07 -11.42 18.74
N GLU B 137 -20.25 -12.53 19.44
N GLU B 137 -20.29 -12.51 19.46
CA GLU B 137 -19.60 -13.77 18.99
CA GLU B 137 -19.75 -13.83 19.10
C GLU B 137 -20.20 -14.28 17.67
C GLU B 137 -20.20 -14.21 17.70
N THR B 138 -21.49 -14.05 17.45
CA THR B 138 -22.11 -14.37 16.16
C THR B 138 -21.57 -13.47 15.05
N GLN B 139 -21.47 -12.17 15.34
CA GLN B 139 -20.95 -11.19 14.38
C GLN B 139 -19.55 -11.52 13.97
N VAL B 140 -18.71 -11.86 14.94
CA VAL B 140 -17.34 -12.27 14.63
C VAL B 140 -17.37 -13.51 13.71
N ALA B 141 -18.11 -14.54 14.13
CA ALA B 141 -18.20 -15.79 13.37
C ALA B 141 -18.65 -15.58 11.92
N GLU B 142 -19.69 -14.78 11.71
CA GLU B 142 -20.25 -14.57 10.38
C GLU B 142 -19.33 -13.71 9.52
N LEU B 143 -18.87 -12.59 10.07
CA LEU B 143 -18.09 -11.62 9.28
C LEU B 143 -16.68 -12.06 8.98
N ILE B 144 -16.01 -12.63 9.98
CA ILE B 144 -14.67 -13.19 9.77
C ILE B 144 -14.73 -14.55 9.08
N GLY B 145 -15.70 -15.38 9.45
CA GLY B 145 -15.91 -16.65 8.77
C GLY B 145 -16.13 -16.53 7.26
N THR B 146 -17.15 -15.79 6.84
CA THR B 146 -17.49 -15.71 5.42
C THR B 146 -16.42 -15.00 4.61
N ASN B 147 -15.90 -13.91 5.13
CA ASN B 147 -14.95 -13.09 4.36
C ASN B 147 -13.49 -13.55 4.36
N ALA B 148 -13.09 -14.38 5.33
CA ALA B 148 -11.69 -14.75 5.46
C ALA B 148 -11.40 -16.23 5.79
N ILE B 149 -12.00 -16.74 6.86
CA ILE B 149 -11.69 -18.11 7.29
CA ILE B 149 -11.73 -18.12 7.30
C ILE B 149 -12.23 -19.13 6.27
N ALA B 150 -13.46 -18.93 5.79
CA ALA B 150 -13.98 -19.87 4.81
C ALA B 150 -13.11 -19.87 3.53
N PRO B 151 -12.81 -18.67 2.96
CA PRO B 151 -11.83 -18.67 1.87
C PRO B 151 -10.52 -19.42 2.16
N PHE B 152 -9.96 -19.27 3.37
CA PHE B 152 -8.74 -20.00 3.73
C PHE B 152 -8.97 -21.52 3.70
N LEU B 153 -10.04 -21.98 4.32
CA LEU B 153 -10.35 -23.41 4.39
C LEU B 153 -10.64 -24.02 3.02
N LEU B 154 -11.42 -23.30 2.21
CA LEU B 154 -11.66 -23.70 0.81
C LEU B 154 -10.36 -23.77 0.00
N THR B 155 -9.44 -22.84 0.25
CA THR B 155 -8.16 -22.82 -0.46
C THR B 155 -7.35 -24.06 -0.08
N MET B 156 -7.31 -24.38 1.21
CA MET B 156 -6.64 -25.59 1.69
C MET B 156 -7.19 -26.81 0.98
N SER B 157 -8.52 -26.95 1.04
CA SER B 157 -9.17 -28.13 0.49
C SER B 157 -9.00 -28.21 -1.02
N PHE B 158 -9.07 -27.05 -1.69
CA PHE B 158 -8.85 -26.97 -3.13
C PHE B 158 -7.45 -27.50 -3.47
N ALA B 159 -6.43 -26.98 -2.77
CA ALA B 159 -5.04 -27.40 -3.01
C ALA B 159 -4.81 -28.89 -2.67
N GLN B 160 -5.37 -29.33 -1.55
CA GLN B 160 -5.12 -30.68 -1.05
C GLN B 160 -5.68 -31.71 -2.02
N ARG B 161 -6.84 -31.38 -2.60
CA ARG B 161 -7.53 -32.27 -3.52
C ARG B 161 -6.87 -32.41 -4.90
N GLN B 162 -5.93 -31.53 -5.21
CA GLN B 162 -5.14 -31.66 -6.45
C GLN B 162 -4.02 -32.67 -6.22
N ASN B 173 -4.54 -25.31 -15.90
CA ASN B 173 -4.80 -23.89 -15.57
C ASN B 173 -5.64 -23.72 -14.29
N LEU B 174 -5.02 -24.05 -13.15
CA LEU B 174 -5.66 -24.00 -11.83
C LEU B 174 -5.54 -22.61 -11.24
N SER B 175 -6.64 -22.06 -10.73
CA SER B 175 -6.58 -20.77 -10.04
C SER B 175 -7.71 -20.52 -9.07
N ILE B 176 -7.49 -19.53 -8.21
CA ILE B 176 -8.44 -19.09 -7.20
C ILE B 176 -8.58 -17.60 -7.38
N VAL B 177 -9.82 -17.12 -7.28
CA VAL B 177 -10.06 -15.70 -7.33
C VAL B 177 -10.84 -15.34 -6.07
N ASN B 178 -10.30 -14.38 -5.31
CA ASN B 178 -10.99 -13.84 -4.14
C ASN B 178 -11.68 -12.51 -4.38
N LEU B 179 -12.92 -12.40 -3.91
CA LEU B 179 -13.69 -11.16 -4.05
C LEU B 179 -13.38 -10.26 -2.85
N CYS B 180 -12.61 -9.21 -3.14
CA CYS B 180 -12.06 -8.34 -2.10
C CYS B 180 -12.91 -7.06 -2.05
N ASP B 181 -12.28 -5.91 -1.81
CA ASP B 181 -13.03 -4.65 -1.70
C ASP B 181 -12.10 -3.47 -1.95
N ALA B 182 -12.45 -2.61 -2.92
CA ALA B 182 -11.58 -1.51 -3.34
C ALA B 182 -11.47 -0.45 -2.24
N MET B 183 -12.43 -0.46 -1.32
CA MET B 183 -12.48 0.55 -0.28
C MET B 183 -11.85 0.08 1.05
N VAL B 184 -11.08 -1.00 1.04
CA VAL B 184 -10.50 -1.53 2.30
C VAL B 184 -9.73 -0.51 3.13
N ASP B 185 -9.21 0.53 2.50
CA ASP B 185 -8.38 1.50 3.23
C ASP B 185 -9.13 2.79 3.54
N GLN B 186 -10.36 2.89 3.07
CA GLN B 186 -11.25 3.98 3.44
C GLN B 186 -12.58 3.32 3.79
N PRO B 187 -12.63 2.66 4.96
CA PRO B 187 -13.75 1.76 5.26
C PRO B 187 -15.09 2.45 5.59
N CYS B 188 -16.18 1.71 5.44
CA CYS B 188 -17.46 2.16 5.94
C CYS B 188 -17.33 2.34 7.46
N MET B 189 -17.78 3.48 7.94
CA MET B 189 -17.86 3.76 9.37
C MET B 189 -18.64 2.68 10.09
N ALA B 190 -18.05 2.17 11.18
CA ALA B 190 -18.67 1.19 12.07
C ALA B 190 -18.78 -0.23 11.46
N PHE B 191 -17.95 -0.51 10.44
CA PHE B 191 -17.87 -1.84 9.85
C PHE B 191 -16.51 -2.52 10.14
N SER B 192 -16.02 -2.42 11.38
CA SER B 192 -14.68 -2.94 11.70
CA SER B 192 -14.69 -2.95 11.75
C SER B 192 -14.53 -4.43 11.42
N LEU B 193 -15.51 -5.25 11.82
CA LEU B 193 -15.33 -6.70 11.60
C LEU B 193 -15.36 -7.04 10.13
N TYR B 194 -16.31 -6.44 9.39
CA TYR B 194 -16.32 -6.62 7.93
C TYR B 194 -14.96 -6.21 7.32
N ASN B 195 -14.51 -5.00 7.68
CA ASN B 195 -13.22 -4.51 7.17
C ASN B 195 -12.04 -5.42 7.55
N MET B 196 -12.03 -5.92 8.79
CA MET B 196 -10.96 -6.86 9.21
C MET B 196 -10.98 -8.12 8.34
N GLY B 197 -12.18 -8.61 8.06
CA GLY B 197 -12.36 -9.80 7.23
C GLY B 197 -11.81 -9.61 5.85
N LYS B 198 -12.13 -8.48 5.21
CA LYS B 198 -11.63 -8.22 3.86
C LYS B 198 -10.12 -7.94 3.86
N HIS B 199 -9.61 -7.29 4.89
CA HIS B 199 -8.13 -7.21 5.04
C HIS B 199 -7.46 -8.58 5.13
N ALA B 200 -8.01 -9.45 5.98
CA ALA B 200 -7.51 -10.82 6.09
C ALA B 200 -7.56 -11.52 4.73
N LEU B 201 -8.58 -11.23 3.93
CA LEU B 201 -8.68 -11.85 2.59
C LEU B 201 -7.55 -11.39 1.66
N VAL B 202 -7.11 -10.12 1.78
CA VAL B 202 -5.96 -9.66 1.01
C VAL B 202 -4.72 -10.45 1.44
N GLY B 203 -4.54 -10.59 2.76
CA GLY B 203 -3.43 -11.39 3.31
C GLY B 203 -3.45 -12.83 2.80
N LEU B 204 -4.64 -13.46 2.80
CA LEU B 204 -4.78 -14.81 2.23
C LEU B 204 -4.38 -14.86 0.76
N THR B 205 -4.80 -13.87 -0.01
CA THR B 205 -4.53 -13.86 -1.47
C THR B 205 -3.02 -13.87 -1.72
N GLN B 206 -2.32 -13.03 -0.97
CA GLN B 206 -0.86 -12.95 -0.99
C GLN B 206 -0.15 -14.21 -0.46
N SER B 207 -0.52 -14.67 0.72
CA SER B 207 0.08 -15.88 1.30
C SER B 207 -0.15 -17.13 0.45
N ALA B 208 -1.37 -17.30 -0.06
CA ALA B 208 -1.67 -18.48 -0.87
C ALA B 208 -1.03 -18.38 -2.26
N ALA B 209 -0.93 -17.18 -2.81
CA ALA B 209 -0.22 -17.01 -4.10
C ALA B 209 1.22 -17.50 -3.95
N LEU B 210 1.90 -17.03 -2.89
CA LEU B 210 3.28 -17.40 -2.61
CA LEU B 210 3.27 -17.41 -2.59
C LEU B 210 3.43 -18.92 -2.46
N GLU B 211 2.59 -19.52 -1.62
CA GLU B 211 2.71 -20.92 -1.25
C GLU B 211 2.23 -21.89 -2.32
N LEU B 212 1.20 -21.52 -3.08
CA LEU B 212 0.60 -22.43 -4.04
C LEU B 212 1.18 -22.31 -5.44
N ALA B 213 2.03 -21.30 -5.64
CA ALA B 213 2.79 -21.14 -6.89
C ALA B 213 3.57 -22.39 -7.35
N PRO B 214 4.34 -23.03 -6.44
CA PRO B 214 5.02 -24.28 -6.81
C PRO B 214 4.08 -25.39 -7.31
N TYR B 215 2.80 -25.31 -6.94
CA TYR B 215 1.80 -26.31 -7.33
C TYR B 215 1.06 -25.92 -8.61
N GLY B 216 1.43 -24.78 -9.19
CA GLY B 216 0.82 -24.29 -10.42
C GLY B 216 -0.56 -23.68 -10.21
N ILE B 217 -0.86 -23.28 -8.97
CA ILE B 217 -2.15 -22.68 -8.64
C ILE B 217 -1.93 -21.19 -8.42
N ARG B 218 -2.55 -20.37 -9.26
CA ARG B 218 -2.49 -18.91 -9.14
C ARG B 218 -3.61 -18.43 -8.20
N VAL B 219 -3.34 -17.39 -7.43
CA VAL B 219 -4.33 -16.85 -6.49
C VAL B 219 -4.38 -15.32 -6.66
N ASN B 220 -5.55 -14.80 -7.02
CA ASN B 220 -5.72 -13.39 -7.34
C ASN B 220 -7.03 -12.88 -6.73
N GLY B 221 -7.20 -11.56 -6.80
CA GLY B 221 -8.39 -10.92 -6.27
C GLY B 221 -9.00 -9.95 -7.26
N VAL B 222 -10.31 -9.76 -7.10
CA VAL B 222 -11.04 -8.71 -7.77
C VAL B 222 -11.64 -7.88 -6.66
N ALA B 223 -11.40 -6.57 -6.71
CA ALA B 223 -11.84 -5.64 -5.67
C ALA B 223 -12.89 -4.67 -6.24
N PRO B 224 -14.19 -5.00 -6.06
CA PRO B 224 -15.24 -4.10 -6.54
C PRO B 224 -15.26 -2.83 -5.68
N GLY B 225 -15.73 -1.73 -6.25
CA GLY B 225 -16.03 -0.51 -5.47
C GLY B 225 -17.51 -0.57 -5.08
N VAL B 226 -18.35 0.24 -5.69
CA VAL B 226 -19.77 0.08 -5.47
C VAL B 226 -20.29 -0.66 -6.69
N SER B 227 -21.08 -1.71 -6.44
CA SER B 227 -21.63 -2.53 -7.52
CA SER B 227 -21.64 -2.52 -7.52
C SER B 227 -23.07 -2.90 -7.19
N LEU B 228 -23.91 -2.90 -8.21
CA LEU B 228 -25.28 -3.44 -8.08
C LEU B 228 -26.01 -2.95 -6.81
N LEU B 229 -26.67 -1.81 -6.90
CA LEU B 229 -27.39 -1.31 -5.72
C LEU B 229 -28.79 -1.94 -5.64
N PRO B 230 -29.25 -2.31 -4.42
CA PRO B 230 -30.47 -3.11 -4.31
C PRO B 230 -31.74 -2.24 -4.37
N ALA B 232 -32.83 -4.05 -0.62
CA ALA B 232 -32.75 -3.44 0.70
C ALA B 232 -32.70 -1.91 0.62
N MET B 233 -31.67 -1.40 -0.06
CA MET B 233 -31.47 0.04 -0.26
C MET B 233 -32.44 0.56 -1.33
N GLY B 234 -32.79 1.83 -1.27
CA GLY B 234 -33.58 2.46 -2.32
C GLY B 234 -32.92 3.70 -2.88
N GLU B 235 -33.55 4.28 -3.92
CA GLU B 235 -33.23 5.63 -4.37
C GLU B 235 -33.77 6.50 -3.22
N GLU B 236 -33.17 7.64 -2.83
CA GLU B 236 -32.05 8.30 -3.50
CA GLU B 236 -32.06 8.29 -3.51
C GLU B 236 -30.70 7.91 -2.93
N GLU B 237 -30.70 7.13 -1.84
CA GLU B 237 -29.44 6.68 -1.25
C GLU B 237 -28.54 6.02 -2.31
N LYS B 238 -29.18 5.29 -3.23
CA LYS B 238 -28.49 4.67 -4.36
C LYS B 238 -27.76 5.70 -5.20
N ASP B 239 -28.44 6.80 -5.47
CA ASP B 239 -27.90 7.85 -6.33
C ASP B 239 -26.84 8.71 -5.61
N LYS B 240 -26.84 8.67 -4.28
CA LYS B 240 -25.77 9.28 -3.48
C LYS B 240 -24.45 8.52 -3.73
N TRP B 241 -24.54 7.20 -3.80
CA TRP B 241 -23.41 6.33 -4.12
C TRP B 241 -22.96 6.47 -5.57
N ARG B 242 -23.92 6.53 -6.47
CA ARG B 242 -23.65 6.71 -7.89
C ARG B 242 -22.89 8.01 -8.16
N ARG B 243 -23.30 9.10 -7.51
CA ARG B 243 -22.66 10.39 -7.71
C ARG B 243 -21.19 10.44 -7.27
N LYS B 244 -20.78 9.48 -6.44
CA LYS B 244 -19.40 9.41 -5.97
C LYS B 244 -18.42 8.88 -7.03
N VAL B 245 -18.91 8.10 -8.01
CA VAL B 245 -18.04 7.36 -8.93
C VAL B 245 -17.57 8.24 -10.09
N PRO B 246 -16.25 8.54 -10.19
CA PRO B 246 -15.69 9.33 -11.31
C PRO B 246 -16.09 8.83 -12.71
N LEU B 247 -16.00 7.51 -12.92
CA LEU B 247 -16.20 6.93 -14.24
C LEU B 247 -17.67 6.60 -14.45
N GLY B 248 -18.42 7.59 -14.89
CA GLY B 248 -19.82 7.39 -15.31
C GLY B 248 -20.90 7.58 -14.27
N ARG B 249 -20.48 7.92 -13.05
CA ARG B 249 -21.41 8.20 -11.95
C ARG B 249 -22.44 7.06 -11.83
N ARG B 250 -21.94 5.84 -11.84
CA ARG B 250 -22.77 4.65 -11.90
C ARG B 250 -22.03 3.58 -11.17
N GLU B 251 -22.76 2.68 -10.54
CA GLU B 251 -22.16 1.52 -9.88
C GLU B 251 -21.74 0.50 -10.95
N ALA B 252 -20.80 -0.39 -10.63
CA ALA B 252 -20.46 -1.48 -11.56
C ALA B 252 -21.64 -2.44 -11.75
N SER B 253 -21.81 -2.95 -12.97
CA SER B 253 -22.76 -4.02 -13.22
C SER B 253 -22.14 -5.32 -12.70
N ALA B 254 -22.97 -6.33 -12.42
CA ALA B 254 -22.44 -7.61 -12.01
C ALA B 254 -21.51 -8.20 -13.08
N GLU B 255 -21.90 -7.93 -14.32
N GLU B 255 -21.88 -8.00 -14.35
CA GLU B 255 -21.20 -8.37 -15.52
CA GLU B 255 -21.07 -8.50 -15.47
C GLU B 255 -19.75 -7.85 -15.58
C GLU B 255 -19.66 -7.88 -15.49
N GLN B 256 -19.57 -6.58 -15.19
CA GLN B 256 -18.25 -5.92 -15.16
C GLN B 256 -17.30 -6.51 -14.13
N ILE B 257 -17.84 -6.88 -12.98
CA ILE B 257 -17.07 -7.59 -11.96
C ILE B 257 -16.66 -8.97 -12.48
N ALA B 258 -17.63 -9.70 -13.06
CA ALA B 258 -17.37 -11.05 -13.58
C ALA B 258 -16.34 -11.03 -14.70
N ASP B 259 -16.36 -9.97 -15.51
CA ASP B 259 -15.38 -9.79 -16.60
C ASP B 259 -13.96 -9.88 -16.03
N ALA B 260 -13.72 -9.23 -14.89
CA ALA B 260 -12.39 -9.22 -14.31
C ALA B 260 -12.01 -10.60 -13.75
N VAL B 261 -13.01 -11.30 -13.18
CA VAL B 261 -12.80 -12.67 -12.71
C VAL B 261 -12.40 -13.59 -13.88
N ILE B 262 -13.15 -13.50 -14.97
CA ILE B 262 -12.93 -14.30 -16.17
C ILE B 262 -11.53 -14.08 -16.70
N PHE B 263 -11.08 -12.82 -16.74
CA PHE B 263 -9.70 -12.53 -17.17
C PHE B 263 -8.66 -13.28 -16.30
N LEU B 264 -8.80 -13.22 -14.98
CA LEU B 264 -7.82 -13.82 -14.06
C LEU B 264 -7.75 -15.35 -14.13
N VAL B 265 -8.88 -15.98 -14.46
CA VAL B 265 -8.89 -17.43 -14.59
C VAL B 265 -8.39 -17.86 -15.96
N SER B 266 -8.40 -16.94 -16.92
CA SER B 266 -8.07 -17.23 -18.32
C SER B 266 -6.58 -17.44 -18.57
N GLY B 267 -6.29 -17.99 -19.76
CA GLY B 267 -4.92 -18.11 -20.23
C GLY B 267 -4.21 -16.78 -20.47
N SER B 268 -4.97 -15.68 -20.48
CA SER B 268 -4.38 -14.34 -20.69
C SER B 268 -3.75 -13.79 -19.41
N ALA B 269 -3.92 -14.55 -18.32
CA ALA B 269 -3.40 -14.21 -17.00
C ALA B 269 -2.47 -15.28 -16.42
N GLN B 270 -1.86 -16.09 -17.29
CA GLN B 270 -1.02 -17.22 -16.87
C GLN B 270 0.17 -16.88 -15.98
N TYR B 271 0.64 -15.64 -16.04
CA TYR B 271 1.79 -15.21 -15.22
C TYR B 271 1.33 -14.34 -14.03
N ILE B 272 0.02 -14.14 -13.89
CA ILE B 272 -0.49 -13.26 -12.85
C ILE B 272 -0.89 -14.03 -11.61
N THR B 273 -0.22 -13.75 -10.50
CA THR B 273 -0.59 -14.36 -9.21
C THR B 273 -0.24 -13.41 -8.07
N GLY B 274 -1.09 -13.40 -7.04
CA GLY B 274 -0.99 -12.45 -5.94
C GLY B 274 -1.40 -11.03 -6.30
N SER B 275 -2.15 -10.88 -7.39
CA SER B 275 -2.60 -9.58 -7.87
CA SER B 275 -2.59 -9.57 -7.87
C SER B 275 -4.06 -9.31 -7.52
N ILE B 276 -4.35 -8.10 -7.07
CA ILE B 276 -5.73 -7.73 -6.80
C ILE B 276 -6.12 -6.60 -7.73
N ILE B 277 -7.07 -6.88 -8.63
CA ILE B 277 -7.55 -5.92 -9.62
C ILE B 277 -8.76 -5.16 -9.10
N LYS B 278 -8.57 -3.86 -8.92
CA LYS B 278 -9.68 -2.97 -8.56
CA LYS B 278 -9.64 -2.95 -8.54
C LYS B 278 -10.61 -2.76 -9.74
N VAL B 279 -11.91 -2.94 -9.51
CA VAL B 279 -12.91 -2.66 -10.53
C VAL B 279 -13.91 -1.67 -9.92
N ASP B 280 -13.51 -0.38 -9.87
CA ASP B 280 -14.21 0.58 -9.01
C ASP B 280 -14.52 1.92 -9.67
N GLY B 281 -14.23 2.04 -10.96
CA GLY B 281 -14.58 3.25 -11.70
C GLY B 281 -13.92 4.49 -11.10
N GLY B 282 -12.81 4.28 -10.40
CA GLY B 282 -12.04 5.36 -9.79
C GLY B 282 -12.48 5.78 -8.40
N LEU B 283 -13.46 5.08 -7.82
CA LEU B 283 -14.06 5.46 -6.51
C LEU B 283 -13.00 5.59 -5.41
N SER B 284 -12.09 4.64 -5.34
CA SER B 284 -11.11 4.66 -4.24
C SER B 284 -10.10 5.82 -4.35
N LEU B 285 -10.10 6.52 -5.48
CA LEU B 285 -9.17 7.63 -5.72
C LEU B 285 -9.68 8.98 -5.23
N VAL B 286 -10.95 9.01 -4.83
CA VAL B 286 -11.63 10.25 -4.53
C VAL B 286 -11.44 10.59 -3.05
N HIS B 287 -10.88 11.76 -2.76
CA HIS B 287 -10.73 12.18 -1.36
C HIS B 287 -12.04 12.66 -0.72
N ALA B 288 -12.09 12.66 0.61
CA ALA B 288 -13.25 13.15 1.37
C ALA B 288 -13.60 14.60 1.04
N GLU C 22 30.27 19.23 20.39
CA GLU C 22 29.46 20.44 20.04
C GLU C 22 28.05 20.05 19.61
N ALA C 23 27.23 21.05 19.32
CA ALA C 23 25.84 20.82 18.94
C ALA C 23 25.74 20.31 17.50
N PRO C 24 24.81 19.38 17.23
CA PRO C 24 24.66 18.94 15.85
C PRO C 24 24.00 20.03 15.00
N ALA C 25 24.06 19.88 13.67
CA ALA C 25 23.53 20.88 12.74
C ALA C 25 22.51 20.25 11.79
N ALA C 26 21.50 21.04 11.43
CA ALA C 26 20.45 20.59 10.52
C ALA C 26 20.21 21.60 9.42
N VAL C 27 19.92 21.10 8.22
CA VAL C 27 19.41 21.90 7.13
C VAL C 27 17.90 21.65 7.00
N VAL C 28 17.11 22.74 7.01
CA VAL C 28 15.68 22.64 6.71
C VAL C 28 15.41 23.48 5.47
N THR C 29 14.86 22.88 4.43
CA THR C 29 14.54 23.67 3.25
C THR C 29 13.16 24.32 3.39
N GLY C 30 12.99 25.48 2.76
CA GLY C 30 11.74 26.25 2.83
C GLY C 30 11.38 26.54 4.28
N ALA C 31 12.37 26.98 5.06
CA ALA C 31 12.25 27.10 6.52
C ALA C 31 11.87 28.50 7.02
N ALA C 32 11.62 29.41 6.08
CA ALA C 32 11.39 30.82 6.49
C ALA C 32 10.05 30.99 7.22
N LYS C 33 9.09 30.13 6.87
CA LYS C 33 7.70 30.33 7.27
C LYS C 33 6.98 29.00 7.49
N ARG C 34 5.82 29.06 8.13
CA ARG C 34 4.89 27.93 8.20
C ARG C 34 5.53 26.66 8.80
N ILE C 35 5.35 25.52 8.12
CA ILE C 35 5.77 24.23 8.69
C ILE C 35 7.31 24.12 8.78
N GLY C 36 8.02 24.55 7.73
CA GLY C 36 9.49 24.59 7.75
C GLY C 36 10.03 25.37 8.93
N ARG C 37 9.46 26.56 9.16
CA ARG C 37 9.82 27.40 10.30
CA ARG C 37 9.85 27.39 10.30
C ARG C 37 9.62 26.65 11.61
N ALA C 38 8.44 26.04 11.77
CA ALA C 38 8.13 25.32 13.01
C ALA C 38 9.14 24.20 13.24
N ILE C 39 9.50 23.50 12.16
CA ILE C 39 10.49 22.44 12.22
C ILE C 39 11.87 22.98 12.63
N ALA C 40 12.29 24.07 12.00
CA ALA C 40 13.56 24.75 12.35
C ALA C 40 13.58 25.15 13.83
N VAL C 41 12.50 25.80 14.28
CA VAL C 41 12.38 26.24 15.67
C VAL C 41 12.48 25.05 16.64
N LYS C 42 11.71 23.99 16.37
CA LYS C 42 11.72 22.84 17.25
C LYS C 42 13.08 22.14 17.25
N LEU C 43 13.73 22.04 16.09
CA LEU C 43 15.10 21.50 16.04
C LEU C 43 16.06 22.36 16.89
N HIS C 44 15.98 23.67 16.71
CA HIS C 44 16.80 24.62 17.47
C HIS C 44 16.56 24.48 19.00
N GLN C 45 15.32 24.29 19.40
CA GLN C 45 14.97 24.13 20.83
C GLN C 45 15.50 22.82 21.41
N THR C 46 15.66 21.83 20.53
CA THR C 46 16.20 20.52 20.89
C THR C 46 17.72 20.57 21.02
N GLY C 47 18.33 21.65 20.54
CA GLY C 47 19.77 21.86 20.65
C GLY C 47 20.55 21.88 19.35
N TYR C 48 19.84 21.82 18.21
CA TYR C 48 20.47 21.91 16.91
C TYR C 48 20.85 23.33 16.51
N ARG C 49 21.97 23.44 15.81
CA ARG C 49 22.25 24.59 14.96
C ARG C 49 21.56 24.35 13.62
N VAL C 50 21.07 25.42 12.98
CA VAL C 50 20.19 25.28 11.82
CA VAL C 50 20.15 25.32 11.83
C VAL C 50 20.56 26.21 10.66
N VAL C 51 20.43 25.66 9.45
CA VAL C 51 20.50 26.45 8.22
C VAL C 51 19.04 26.61 7.81
N ILE C 52 18.60 27.87 7.75
CA ILE C 52 17.23 28.16 7.34
C ILE C 52 17.31 28.43 5.85
N HIS C 53 16.96 27.44 5.02
CA HIS C 53 16.93 27.69 3.59
C HIS C 53 15.61 28.39 3.22
N TYR C 54 15.66 29.25 2.21
CA TYR C 54 14.47 29.95 1.74
C TYR C 54 14.69 30.30 0.27
N HIS C 55 13.61 30.70 -0.41
CA HIS C 55 13.69 31.07 -1.81
C HIS C 55 13.31 32.55 -1.93
N ASN C 56 12.02 32.87 -1.75
CA ASN C 56 11.55 34.25 -1.82
C ASN C 56 11.38 34.96 -0.48
N SER C 57 11.20 34.21 0.60
CA SER C 57 10.83 34.84 1.89
C SER C 57 12.06 35.30 2.68
N ALA C 58 12.79 36.25 2.10
CA ALA C 58 14.04 36.74 2.65
C ALA C 58 13.86 37.37 4.03
N GLU C 59 12.87 38.27 4.14
CA GLU C 59 12.59 38.98 5.39
C GLU C 59 12.22 38.05 6.54
N ALA C 60 11.39 37.04 6.27
CA ALA C 60 11.00 36.06 7.28
C ALA C 60 12.19 35.19 7.71
N ALA C 61 13.01 34.80 6.75
CA ALA C 61 14.18 33.96 7.01
C ALA C 61 15.20 34.67 7.89
N VAL C 62 15.54 35.91 7.52
CA VAL C 62 16.48 36.72 8.29
C VAL C 62 15.95 36.96 9.72
N SER C 63 14.66 37.30 9.81
CA SER C 63 14.00 37.52 11.11
C SER C 63 14.06 36.27 12.01
N LEU C 64 13.81 35.10 11.42
CA LEU C 64 13.91 33.83 12.12
C LEU C 64 15.35 33.55 12.63
N ALA C 65 16.34 33.70 11.76
CA ALA C 65 17.75 33.58 12.14
C ALA C 65 18.16 34.51 13.30
N ASP C 66 17.75 35.78 13.21
CA ASP C 66 18.03 36.76 14.27
C ASP C 66 17.52 36.27 15.63
N GLU C 67 16.30 35.76 15.60
CA GLU C 67 15.61 35.31 16.80
C GLU C 67 16.24 34.06 17.42
N LEU C 68 16.65 33.12 16.58
CA LEU C 68 17.32 31.91 17.05
C LEU C 68 18.71 32.28 17.59
N ASN C 69 19.40 33.18 16.88
CA ASN C 69 20.71 33.68 17.34
C ASN C 69 20.63 34.52 18.63
N LYS C 70 19.53 35.25 18.81
CA LYS C 70 19.32 35.95 20.08
C LYS C 70 19.21 34.93 21.22
N GLU C 71 18.56 33.81 20.95
CA GLU C 71 18.39 32.72 21.91
C GLU C 71 19.72 32.02 22.24
N ARG C 72 20.46 31.60 21.20
CA ARG C 72 21.82 31.07 21.38
C ARG C 72 22.71 31.60 20.27
N SER C 73 23.75 32.34 20.64
CA SER C 73 24.65 32.97 19.66
C SER C 73 25.24 31.97 18.68
N ASN C 74 25.30 32.38 17.42
CA ASN C 74 25.95 31.61 16.35
C ASN C 74 25.34 30.23 16.10
N THR C 75 24.02 30.15 16.09
CA THR C 75 23.36 28.87 15.93
C THR C 75 22.38 28.80 14.76
N ALA C 76 22.21 29.92 14.05
CA ALA C 76 21.40 29.92 12.83
C ALA C 76 22.05 30.76 11.71
N VAL C 77 21.96 30.25 10.48
CA VAL C 77 22.31 31.01 9.28
C VAL C 77 21.18 30.86 8.26
N VAL C 78 21.04 31.83 7.34
CA VAL C 78 20.15 31.62 6.21
C VAL C 78 20.94 31.17 4.98
N CYS C 79 20.22 30.58 4.03
CA CYS C 79 20.80 30.16 2.76
C CYS C 79 19.73 30.24 1.70
N GLN C 80 19.92 31.12 0.72
CA GLN C 80 18.96 31.29 -0.37
C GLN C 80 19.27 30.35 -1.53
N ALA C 81 18.22 29.70 -2.04
CA ALA C 81 18.33 28.92 -3.28
C ALA C 81 16.98 28.62 -3.91
N ASP C 82 16.92 28.80 -5.21
CA ASP C 82 15.79 28.33 -6.01
C ASP C 82 15.97 26.82 -6.22
N LEU C 83 14.91 26.05 -5.92
CA LEU C 83 14.95 24.59 -6.03
C LEU C 83 14.17 24.04 -7.23
N THR C 84 13.79 24.93 -8.14
CA THR C 84 13.29 24.53 -9.46
C THR C 84 14.32 23.63 -10.17
N ASN C 85 13.84 22.60 -10.88
CA ASN C 85 14.72 21.80 -11.71
C ASN C 85 15.40 22.62 -12.81
N SER C 86 16.70 22.37 -13.00
CA SER C 86 17.48 22.98 -14.07
C SER C 86 18.82 22.26 -14.07
N ASN C 87 19.66 22.57 -15.05
CA ASN C 87 21.00 21.97 -15.11
C ASN C 87 21.94 22.41 -13.98
N VAL C 88 21.60 23.51 -13.29
CA VAL C 88 22.42 23.99 -12.17
CA VAL C 88 22.40 24.03 -12.17
C VAL C 88 21.88 23.56 -10.80
N LEU C 89 20.71 22.94 -10.81
CA LEU C 89 20.13 22.46 -9.55
C LEU C 89 21.10 21.58 -8.72
N PRO C 90 21.84 20.64 -9.36
CA PRO C 90 22.80 19.88 -8.54
C PRO C 90 23.82 20.76 -7.80
N ALA C 91 24.37 21.76 -8.48
CA ALA C 91 25.29 22.69 -7.82
C ALA C 91 24.58 23.49 -6.71
N SER C 92 23.33 23.90 -6.94
CA SER C 92 22.58 24.66 -5.90
C SER C 92 22.37 23.79 -4.66
N CYS C 93 22.08 22.52 -4.87
CA CYS C 93 21.88 21.60 -3.74
C CYS C 93 23.18 21.29 -3.03
N GLU C 94 24.26 21.07 -3.79
CA GLU C 94 25.57 20.90 -3.18
C GLU C 94 25.94 22.11 -2.33
N GLU C 95 25.58 23.29 -2.80
CA GLU C 95 25.93 24.53 -2.08
C GLU C 95 25.15 24.67 -0.78
N ILE C 96 23.91 24.19 -0.75
CA ILE C 96 23.11 24.21 0.48
C ILE C 96 23.79 23.36 1.55
N ILE C 97 24.15 22.12 1.20
CA ILE C 97 24.85 21.26 2.15
C ILE C 97 26.18 21.92 2.55
N ASN C 98 26.92 22.44 1.57
CA ASN C 98 28.18 23.15 1.84
C ASN C 98 28.03 24.30 2.85
N SER C 99 26.92 25.02 2.76
CA SER C 99 26.67 26.17 3.64
C SER C 99 26.50 25.76 5.10
N CYS C 100 25.93 24.57 5.33
CA CYS C 100 25.86 24.00 6.67
C CYS C 100 27.25 23.69 7.22
N PHE C 101 28.09 23.04 6.41
CA PHE C 101 29.47 22.76 6.78
C PHE C 101 30.31 24.03 6.99
N ARG C 102 30.09 25.04 6.17
CA ARG C 102 30.82 26.31 6.28
C ARG C 102 30.44 27.03 7.58
N ALA C 103 29.16 26.95 7.96
CA ALA C 103 28.68 27.63 9.17
C ALA C 103 29.03 26.85 10.44
N PHE C 104 28.83 25.53 10.42
CA PHE C 104 28.81 24.73 11.63
C PHE C 104 29.83 23.59 11.66
N GLY C 105 30.49 23.35 10.53
CA GLY C 105 31.49 22.29 10.43
C GLY C 105 30.98 20.86 10.38
N ARG C 106 29.67 20.70 10.21
CA ARG C 106 29.03 19.40 10.21
C ARG C 106 27.63 19.57 9.69
N CYS C 107 27.02 18.45 9.28
CA CYS C 107 25.64 18.42 8.85
C CYS C 107 25.05 17.06 9.21
N ASP C 108 24.20 17.06 10.23
CA ASP C 108 23.68 15.82 10.81
C ASP C 108 22.29 15.46 10.31
N VAL C 109 21.49 16.46 10.03
CA VAL C 109 20.10 16.25 9.69
C VAL C 109 19.75 17.09 8.45
N LEU C 110 19.10 16.44 7.49
CA LEU C 110 18.50 17.17 6.37
C LEU C 110 16.99 16.98 6.38
N VAL C 111 16.25 18.10 6.32
CA VAL C 111 14.79 18.05 6.25
C VAL C 111 14.31 18.67 4.94
N ASN C 112 13.83 17.82 4.03
CA ASN C 112 13.29 18.27 2.74
C ASN C 112 11.83 18.68 2.87
N ASN C 113 11.65 19.97 3.10
CA ASN C 113 10.33 20.55 3.38
C ASN C 113 9.82 21.46 2.26
N ALA C 114 10.72 22.13 1.56
CA ALA C 114 10.34 23.07 0.49
C ALA C 114 9.45 22.40 -0.57
N SER C 115 8.43 23.12 -1.07
CA SER C 115 7.50 22.50 -2.00
C SER C 115 6.68 23.52 -2.75
N ALA C 116 6.59 23.35 -4.07
CA ALA C 116 5.65 24.11 -4.86
C ALA C 116 4.37 23.29 -4.96
N PHE C 117 3.23 23.98 -4.93
CA PHE C 117 1.94 23.27 -4.86
C PHE C 117 0.90 24.15 -5.58
N TYR C 118 0.47 23.70 -6.76
CA TYR C 118 -0.54 24.45 -7.52
C TYR C 118 -1.13 23.54 -8.61
N PRO C 119 -2.34 23.83 -9.09
CA PRO C 119 -2.91 22.90 -10.09
C PRO C 119 -2.25 23.01 -11.45
N THR C 120 -2.17 21.86 -12.12
CA THR C 120 -1.73 21.76 -13.50
C THR C 120 -2.72 20.87 -14.28
N PRO C 121 -3.87 21.42 -14.71
CA PRO C 121 -4.86 20.57 -15.38
C PRO C 121 -4.34 19.89 -16.66
N LEU C 122 -4.84 18.68 -16.92
CA LEU C 122 -4.50 17.90 -18.12
C LEU C 122 -5.19 18.44 -19.36
N VAL C 123 -6.41 18.95 -19.20
CA VAL C 123 -7.20 19.49 -20.32
C VAL C 123 -7.38 21.01 -20.23
N GLY C 133 0.70 33.42 -17.30
CA GLY C 133 0.61 31.97 -17.09
C GLY C 133 1.92 31.26 -17.32
N LYS C 134 2.32 30.42 -16.37
CA LYS C 134 3.53 29.60 -16.49
C LYS C 134 3.38 28.60 -17.63
N THR C 135 4.44 28.43 -18.40
CA THR C 135 4.51 27.36 -19.40
C THR C 135 4.49 25.99 -18.72
N VAL C 136 4.15 24.94 -19.45
CA VAL C 136 4.17 23.60 -18.86
C VAL C 136 5.60 23.21 -18.46
N GLU C 137 6.61 23.62 -19.22
CA GLU C 137 8.00 23.29 -18.86
C GLU C 137 8.40 23.87 -17.50
N THR C 138 7.92 25.08 -17.22
CA THR C 138 8.14 25.72 -15.92
C THR C 138 7.39 24.99 -14.80
N GLN C 139 6.14 24.61 -15.06
CA GLN C 139 5.36 23.83 -14.09
C GLN C 139 6.05 22.50 -13.74
N VAL C 140 6.54 21.81 -14.76
CA VAL C 140 7.28 20.57 -14.57
C VAL C 140 8.50 20.85 -13.69
N ALA C 141 9.31 21.83 -14.08
CA ALA C 141 10.56 22.14 -13.36
C ALA C 141 10.29 22.53 -11.90
N GLU C 142 9.27 23.33 -11.65
CA GLU C 142 8.97 23.78 -10.27
C GLU C 142 8.41 22.66 -9.41
N LEU C 143 7.37 21.98 -9.90
CA LEU C 143 6.70 20.94 -9.11
C LEU C 143 7.52 19.67 -8.94
N ILE C 144 8.14 19.21 -10.00
CA ILE C 144 9.01 18.04 -9.89
C ILE C 144 10.33 18.38 -9.21
N GLY C 145 10.89 19.55 -9.51
CA GLY C 145 12.16 19.94 -8.91
C GLY C 145 12.04 20.09 -7.40
N THR C 146 11.08 20.90 -6.93
CA THR C 146 10.96 21.20 -5.49
C THR C 146 10.59 19.96 -4.71
N ASN C 147 9.61 19.20 -5.22
CA ASN C 147 9.08 18.06 -4.50
C ASN C 147 9.91 16.77 -4.56
N ALA C 148 10.73 16.63 -5.61
CA ALA C 148 11.45 15.37 -5.80
C ALA C 148 12.93 15.46 -6.17
N ILE C 149 13.27 16.22 -7.21
CA ILE C 149 14.63 16.21 -7.74
CA ILE C 149 14.64 16.25 -7.75
C ILE C 149 15.58 16.90 -6.74
N ALA C 150 15.17 18.04 -6.20
CA ALA C 150 15.98 18.70 -5.18
C ALA C 150 16.18 17.83 -3.93
N PRO C 151 15.09 17.25 -3.36
CA PRO C 151 15.33 16.23 -2.34
C PRO C 151 16.37 15.17 -2.73
N PHE C 152 16.30 14.64 -3.95
CA PHE C 152 17.30 13.66 -4.42
C PHE C 152 18.73 14.22 -4.40
N LEU C 153 18.93 15.39 -5.01
CA LEU C 153 20.27 16.03 -5.11
C LEU C 153 20.84 16.44 -3.76
N LEU C 154 19.95 16.95 -2.91
CA LEU C 154 20.33 17.27 -1.52
C LEU C 154 20.68 16.01 -0.75
N THR C 155 19.93 14.93 -0.97
CA THR C 155 20.29 13.65 -0.36
C THR C 155 21.68 13.19 -0.84
N MET C 156 21.94 13.30 -2.15
CA MET C 156 23.26 12.97 -2.72
CA MET C 156 23.24 12.94 -2.69
C MET C 156 24.38 13.76 -2.06
N SER C 157 24.21 15.09 -2.02
CA SER C 157 25.24 15.96 -1.48
C SER C 157 25.49 15.70 0.02
N PHE C 158 24.40 15.47 0.75
CA PHE C 158 24.42 15.15 2.19
C PHE C 158 25.24 13.89 2.44
N ALA C 159 24.95 12.83 1.68
CA ALA C 159 25.67 11.55 1.81
C ALA C 159 27.14 11.66 1.44
N GLN C 160 27.40 12.35 0.33
CA GLN C 160 28.75 12.55 -0.17
C GLN C 160 29.62 13.28 0.85
N ARG C 161 29.06 14.28 1.54
CA ARG C 161 29.83 15.04 2.53
C ARG C 161 30.14 14.26 3.82
N GLN C 162 29.42 13.18 4.07
CA GLN C 162 29.61 12.43 5.31
C GLN C 162 30.78 11.48 5.24
N ASN C 173 24.35 10.32 14.76
CA ASN C 173 22.94 10.05 14.45
C ASN C 173 22.50 10.87 13.22
N LEU C 174 22.95 10.43 12.06
CA LEU C 174 22.62 11.10 10.79
C LEU C 174 21.28 10.64 10.29
N SER C 175 20.43 11.58 9.87
CA SER C 175 19.18 11.22 9.20
C SER C 175 18.61 12.31 8.33
N ILE C 176 17.71 11.89 7.44
CA ILE C 176 16.99 12.77 6.51
C ILE C 176 15.50 12.56 6.73
N VAL C 177 14.74 13.65 6.76
CA VAL C 177 13.28 13.53 6.83
C VAL C 177 12.66 14.26 5.66
N ASN C 178 11.86 13.54 4.88
CA ASN C 178 11.16 14.13 3.73
C ASN C 178 9.73 14.43 4.08
N LEU C 179 9.28 15.63 3.76
CA LEU C 179 7.88 16.02 3.99
C LEU C 179 7.07 15.52 2.81
N CYS C 180 6.24 14.53 3.08
CA CYS C 180 5.45 13.84 2.07
C CYS C 180 4.02 14.37 2.08
N ASP C 181 3.05 13.49 1.90
CA ASP C 181 1.66 13.94 1.79
C ASP C 181 0.79 12.72 2.04
N ALA C 182 -0.05 12.82 3.08
CA ALA C 182 -0.92 11.71 3.49
C ALA C 182 -1.98 11.41 2.44
N MET C 183 -2.23 12.37 1.57
CA MET C 183 -3.26 12.19 0.56
C MET C 183 -2.73 11.75 -0.81
N VAL C 184 -1.54 11.15 -0.86
CA VAL C 184 -0.95 10.79 -2.16
C VAL C 184 -1.79 9.81 -3.00
N ASP C 185 -2.61 9.01 -2.34
CA ASP C 185 -3.43 8.04 -3.08
C ASP C 185 -4.86 8.45 -3.32
N GLN C 186 -5.24 9.63 -2.81
CA GLN C 186 -6.52 10.25 -3.09
C GLN C 186 -6.23 11.73 -3.36
N PRO C 187 -5.60 12.03 -4.51
CA PRO C 187 -5.03 13.36 -4.69
C PRO C 187 -6.04 14.46 -5.01
N CYS C 188 -5.62 15.72 -4.83
CA CYS C 188 -6.43 16.86 -5.27
C CYS C 188 -6.68 16.75 -6.77
N MET C 189 -7.90 17.03 -7.18
CA MET C 189 -8.26 17.10 -8.60
C MET C 189 -7.38 18.10 -9.35
N ALA C 190 -6.84 17.69 -10.50
CA ALA C 190 -6.02 18.55 -11.39
C ALA C 190 -4.63 18.91 -10.85
N PHE C 191 -4.13 18.14 -9.88
CA PHE C 191 -2.79 18.35 -9.31
C PHE C 191 -1.83 17.25 -9.72
N SER C 192 -1.90 16.82 -10.99
CA SER C 192 -1.11 15.67 -11.41
CA SER C 192 -1.10 15.69 -11.48
C SER C 192 0.40 15.85 -11.20
N LEU C 193 0.95 16.99 -11.60
CA LEU C 193 2.39 17.18 -11.48
C LEU C 193 2.85 17.23 -10.03
N TYR C 194 2.14 17.98 -9.20
CA TYR C 194 2.41 17.96 -7.77
C TYR C 194 2.35 16.54 -7.18
N ASN C 195 1.29 15.81 -7.51
CA ASN C 195 1.13 14.42 -7.03
C ASN C 195 2.25 13.50 -7.52
N MET C 196 2.65 13.66 -8.77
CA MET C 196 3.79 12.89 -9.31
C MET C 196 5.07 13.16 -8.48
N GLY C 197 5.32 14.44 -8.20
CA GLY C 197 6.42 14.84 -7.34
C GLY C 197 6.42 14.18 -5.97
N LYS C 198 5.28 14.17 -5.30
CA LYS C 198 5.21 13.61 -3.96
C LYS C 198 5.33 12.09 -4.00
N HIS C 199 4.76 11.46 -5.02
CA HIS C 199 5.00 10.03 -5.22
C HIS C 199 6.47 9.75 -5.41
N ALA C 200 7.15 10.52 -6.28
CA ALA C 200 8.59 10.38 -6.47
C ALA C 200 9.35 10.49 -5.14
N LEU C 201 8.89 11.39 -4.28
CA LEU C 201 9.54 11.60 -2.97
C LEU C 201 9.41 10.35 -2.06
N VAL C 202 8.26 9.68 -2.11
CA VAL C 202 8.12 8.36 -1.45
C VAL C 202 9.18 7.36 -1.99
N GLY C 203 9.31 7.28 -3.32
CA GLY C 203 10.31 6.42 -3.94
C GLY C 203 11.72 6.75 -3.47
N LEU C 204 12.07 8.04 -3.45
CA LEU C 204 13.36 8.49 -2.94
C LEU C 204 13.53 8.09 -1.47
N THR C 205 12.49 8.28 -0.67
CA THR C 205 12.61 7.91 0.75
C THR C 205 13.00 6.43 0.91
N GLN C 206 12.34 5.55 0.14
CA GLN C 206 12.63 4.12 0.20
C GLN C 206 13.99 3.74 -0.39
N SER C 207 14.28 4.20 -1.61
CA SER C 207 15.58 3.92 -2.25
C SER C 207 16.77 4.42 -1.43
N ALA C 208 16.63 5.63 -0.85
CA ALA C 208 17.73 6.23 -0.10
C ALA C 208 17.90 5.57 1.25
N ALA C 209 16.78 5.22 1.89
CA ALA C 209 16.84 4.43 3.13
C ALA C 209 17.63 3.16 2.86
N LEU C 210 17.28 2.46 1.79
CA LEU C 210 17.98 1.21 1.45
C LEU C 210 19.48 1.43 1.19
N GLU C 211 19.81 2.44 0.38
CA GLU C 211 21.18 2.61 -0.10
C GLU C 211 22.13 3.24 0.96
N LEU C 212 21.56 4.11 1.80
CA LEU C 212 22.34 4.87 2.77
C LEU C 212 22.45 4.18 4.15
N ALA C 213 21.70 3.10 4.34
CA ALA C 213 21.71 2.35 5.60
C ALA C 213 23.11 1.86 5.98
N PRO C 214 23.88 1.32 5.00
CA PRO C 214 25.24 0.87 5.30
C PRO C 214 26.15 1.97 5.81
N TYR C 215 25.79 3.23 5.55
CA TYR C 215 26.55 4.39 6.01
C TYR C 215 26.04 4.93 7.35
N GLY C 216 25.00 4.30 7.89
CA GLY C 216 24.37 4.75 9.14
C GLY C 216 23.42 5.95 9.01
N ILE C 217 23.03 6.28 7.78
CA ILE C 217 22.11 7.41 7.55
C ILE C 217 20.70 6.85 7.37
N ARG C 218 19.79 7.26 8.27
CA ARG C 218 18.37 6.89 8.18
C ARG C 218 17.60 7.88 7.30
N VAL C 219 16.64 7.36 6.55
CA VAL C 219 15.82 8.21 5.68
C VAL C 219 14.35 7.91 5.89
N ASN C 220 13.60 8.90 6.38
CA ASN C 220 12.21 8.70 6.75
C ASN C 220 11.38 9.85 6.21
N GLY C 221 10.07 9.74 6.35
CA GLY C 221 9.14 10.74 5.88
C GLY C 221 8.11 11.07 6.94
N VAL C 222 7.56 12.27 6.85
CA VAL C 222 6.41 12.68 7.65
C VAL C 222 5.36 13.12 6.63
N ALA C 223 4.17 12.55 6.72
CA ALA C 223 3.09 12.83 5.74
C ALA C 223 1.90 13.57 6.34
N PRO C 224 1.91 14.91 6.21
CA PRO C 224 0.82 15.71 6.74
C PRO C 224 -0.46 15.49 5.93
N GLY C 225 -1.58 15.49 6.64
N GLY C 225 -1.62 15.70 6.54
CA GLY C 225 -2.85 15.76 6.02
CA GLY C 225 -2.91 15.72 5.81
C GLY C 225 -2.93 17.28 5.98
C GLY C 225 -3.34 17.12 5.34
N VAL C 226 -4.13 17.81 6.16
CA VAL C 226 -4.31 19.25 6.04
C VAL C 226 -3.67 19.89 7.27
N SER C 227 -2.73 20.85 7.04
CA SER C 227 -1.99 21.49 8.13
CA SER C 227 -1.93 21.48 8.10
C SER C 227 -1.84 22.99 7.95
N LEU C 228 -1.98 23.70 9.06
CA LEU C 228 -1.82 25.15 9.15
C LEU C 228 -2.49 25.87 7.98
N LEU C 229 -3.81 26.00 8.08
CA LEU C 229 -4.54 26.69 7.02
C LEU C 229 -4.17 28.16 7.11
N PRO C 230 -3.75 28.75 5.98
CA PRO C 230 -3.44 30.17 5.90
C PRO C 230 -4.57 31.01 6.49
N VAL C 231 -4.23 31.90 7.42
CA VAL C 231 -5.18 32.86 7.98
C VAL C 231 -5.95 33.55 6.86
N ALA C 232 -5.25 33.86 5.76
CA ALA C 232 -5.82 34.56 4.60
C ALA C 232 -6.78 33.74 3.75
N MET C 233 -6.70 32.40 3.83
CA MET C 233 -7.64 31.51 3.13
C MET C 233 -9.08 31.85 3.53
N GLY C 234 -10.02 31.73 2.59
CA GLY C 234 -11.42 32.06 2.86
C GLY C 234 -11.97 31.19 3.97
N GLU C 235 -12.77 31.79 4.87
CA GLU C 235 -13.26 31.06 6.05
C GLU C 235 -14.14 29.87 5.67
N GLU C 236 -14.93 30.03 4.60
CA GLU C 236 -15.79 28.96 4.10
C GLU C 236 -14.97 27.77 3.65
N GLU C 237 -13.86 28.04 2.97
CA GLU C 237 -12.95 27.00 2.51
C GLU C 237 -12.18 26.33 3.66
N LYS C 238 -11.71 27.15 4.62
CA LYS C 238 -11.11 26.62 5.84
C LYS C 238 -12.06 25.61 6.51
N ASP C 239 -13.31 26.02 6.76
CA ASP C 239 -14.30 25.16 7.41
C ASP C 239 -14.52 23.86 6.65
N LYS C 240 -14.52 23.94 5.31
CA LYS C 240 -14.74 22.80 4.45
C LYS C 240 -13.69 21.71 4.71
N TRP C 241 -12.43 22.12 4.78
CA TRP C 241 -11.30 21.24 5.06
C TRP C 241 -11.30 20.69 6.49
N ARG C 242 -11.59 21.58 7.45
CA ARG C 242 -11.59 21.18 8.86
C ARG C 242 -12.68 20.16 9.16
N ARG C 243 -13.87 20.36 8.59
CA ARG C 243 -15.01 19.46 8.77
C ARG C 243 -14.70 18.03 8.34
N LYS C 244 -13.73 17.86 7.45
CA LYS C 244 -13.33 16.55 6.91
C LYS C 244 -12.50 15.67 7.87
N VAL C 245 -11.86 16.27 8.87
CA VAL C 245 -10.84 15.55 9.69
C VAL C 245 -11.54 14.88 10.87
N PRO C 246 -11.48 13.55 10.95
CA PRO C 246 -12.15 12.84 12.04
C PRO C 246 -11.64 13.22 13.42
N LEU C 247 -10.33 13.42 13.57
CA LEU C 247 -9.75 13.71 14.88
C LEU C 247 -9.75 15.20 15.16
N GLY C 248 -10.83 15.67 15.78
CA GLY C 248 -10.94 17.06 16.22
C GLY C 248 -11.53 18.04 15.22
N ARG C 249 -11.84 17.58 14.01
CA ARG C 249 -12.33 18.45 12.92
C ARG C 249 -11.55 19.77 12.83
N ARG C 250 -10.23 19.64 12.77
CA ARG C 250 -9.31 20.77 12.66
C ARG C 250 -8.07 20.26 11.93
N GLU C 251 -7.30 21.19 11.38
CA GLU C 251 -6.09 20.86 10.67
C GLU C 251 -4.99 20.68 11.71
N ALA C 252 -3.91 20.01 11.33
CA ALA C 252 -2.71 19.95 12.16
C ALA C 252 -2.18 21.35 12.40
N SER C 253 -1.61 21.57 13.58
CA SER C 253 -0.77 22.76 13.77
C SER C 253 0.59 22.49 13.13
N ALA C 254 1.35 23.54 12.85
CA ALA C 254 2.69 23.33 12.31
C ALA C 254 3.55 22.60 13.35
N GLU C 255 3.29 22.86 14.63
CA GLU C 255 4.06 22.23 15.72
C GLU C 255 3.83 20.71 15.80
N GLN C 256 2.59 20.27 15.55
CA GLN C 256 2.28 18.82 15.47
C GLN C 256 3.07 18.10 14.37
N ILE C 257 3.15 18.72 13.20
CA ILE C 257 3.98 18.18 12.13
C ILE C 257 5.45 18.12 12.57
N ALA C 258 5.93 19.22 13.16
CA ALA C 258 7.30 19.29 13.65
C ALA C 258 7.63 18.20 14.68
N ASP C 259 6.66 17.90 15.55
CA ASP C 259 6.83 16.86 16.57
C ASP C 259 7.24 15.52 15.96
N ALA C 260 6.63 15.14 14.84
CA ALA C 260 6.94 13.88 14.18
C ALA C 260 8.33 13.90 13.55
N VAL C 261 8.71 15.04 12.98
CA VAL C 261 10.09 15.24 12.49
C VAL C 261 11.09 15.05 13.63
N ILE C 262 10.81 15.68 14.77
CA ILE C 262 11.66 15.58 15.94
C ILE C 262 11.82 14.12 16.40
N PHE C 263 10.71 13.37 16.47
CA PHE C 263 10.81 11.95 16.82
C PHE C 263 11.77 11.21 15.87
N LEU C 264 11.61 11.42 14.56
CA LEU C 264 12.38 10.67 13.55
C LEU C 264 13.90 10.94 13.55
N VAL C 265 14.29 12.14 13.96
CA VAL C 265 15.72 12.46 13.99
C VAL C 265 16.32 12.05 15.35
N SER C 266 15.45 11.71 16.31
CA SER C 266 15.88 11.43 17.68
C SER C 266 16.52 10.07 17.92
N GLY C 267 17.13 9.92 19.08
CA GLY C 267 17.61 8.62 19.56
C GLY C 267 16.50 7.61 19.78
N SER C 268 15.24 8.03 19.82
CA SER C 268 14.12 7.09 19.99
C SER C 268 13.67 6.43 18.67
N ALA C 269 14.35 6.78 17.58
CA ALA C 269 14.01 6.31 16.24
C ALA C 269 15.19 5.63 15.54
N GLN C 270 16.13 5.14 16.33
CA GLN C 270 17.42 4.67 15.81
C GLN C 270 17.38 3.44 14.89
N TYR C 271 16.31 2.66 14.96
CA TYR C 271 16.11 1.49 14.10
C TYR C 271 15.06 1.78 13.00
N ILE C 272 14.59 3.00 12.92
CA ILE C 272 13.55 3.34 11.95
C ILE C 272 14.20 3.95 10.70
N THR C 273 14.08 3.24 9.58
CA THR C 273 14.47 3.82 8.29
C THR C 273 13.51 3.34 7.18
N GLY C 274 13.21 4.21 6.23
CA GLY C 274 12.29 3.88 5.17
C GLY C 274 10.83 4.00 5.58
N SER C 275 10.59 4.59 6.75
CA SER C 275 9.22 4.72 7.26
C SER C 275 8.66 6.10 6.96
N ILE C 276 7.36 6.14 6.64
CA ILE C 276 6.67 7.40 6.46
C ILE C 276 5.52 7.46 7.45
N ILE C 277 5.60 8.43 8.36
CA ILE C 277 4.57 8.62 9.39
C ILE C 277 3.51 9.62 8.96
N LYS C 278 2.27 9.15 8.78
CA LYS C 278 1.15 10.06 8.50
CA LYS C 278 1.11 10.00 8.51
C LYS C 278 0.81 10.84 9.76
N VAL C 279 0.60 12.13 9.58
CA VAL C 279 0.19 12.99 10.68
C VAL C 279 -1.03 13.75 10.14
N ASP C 280 -2.18 13.08 10.12
CA ASP C 280 -3.32 13.55 9.36
C ASP C 280 -4.69 13.47 10.04
N GLY C 281 -4.71 13.16 11.35
CA GLY C 281 -5.98 13.13 12.13
C GLY C 281 -7.02 12.18 11.56
N GLY C 282 -6.55 11.20 10.78
CA GLY C 282 -7.42 10.20 10.15
C GLY C 282 -8.03 10.62 8.82
N LEU C 283 -7.65 11.78 8.30
CA LEU C 283 -8.22 12.30 7.03
C LEU C 283 -8.11 11.28 5.86
N SER C 284 -6.96 10.62 5.75
CA SER C 284 -6.75 9.66 4.64
C SER C 284 -7.69 8.46 4.70
N LEU C 285 -8.29 8.23 5.87
CA LEU C 285 -9.17 7.07 6.08
C LEU C 285 -10.63 7.30 5.70
N VAL C 286 -10.98 8.55 5.35
CA VAL C 286 -12.38 8.91 5.06
C VAL C 286 -12.71 8.65 3.60
N HIS C 287 -13.73 7.83 3.35
CA HIS C 287 -14.18 7.61 1.97
C HIS C 287 -14.95 8.79 1.38
N ALA C 288 -15.06 8.79 0.05
CA ALA C 288 -15.78 9.85 -0.66
C ALA C 288 -17.24 9.94 -0.24
N GLU D 22 -15.08 1.49 -38.65
CA GLU D 22 -13.65 1.92 -38.81
C GLU D 22 -12.81 1.55 -37.59
N ALA D 23 -11.54 1.26 -37.82
CA ALA D 23 -10.64 0.68 -36.83
C ALA D 23 -10.07 1.70 -35.84
N PRO D 24 -9.94 1.31 -34.56
CA PRO D 24 -9.32 2.22 -33.60
C PRO D 24 -7.81 2.34 -33.82
N ALA D 25 -7.18 3.31 -33.17
CA ALA D 25 -5.75 3.54 -33.34
C ALA D 25 -5.06 3.71 -31.99
N ALA D 26 -3.81 3.25 -31.90
CA ALA D 26 -3.04 3.28 -30.65
C ALA D 26 -1.62 3.81 -30.86
N VAL D 27 -1.15 4.59 -29.89
CA VAL D 27 0.27 4.93 -29.82
C VAL D 27 0.95 4.04 -28.75
N VAL D 28 2.07 3.42 -29.13
CA VAL D 28 2.90 2.68 -28.18
C VAL D 28 4.30 3.27 -28.20
N THR D 29 4.75 3.80 -27.05
CA THR D 29 6.10 4.38 -26.99
C THR D 29 7.11 3.27 -26.76
N GLY D 30 8.29 3.43 -27.33
CA GLY D 30 9.36 2.44 -27.20
C GLY D 30 8.94 1.09 -27.74
N ALA D 31 8.29 1.11 -28.90
CA ALA D 31 7.61 -0.06 -29.45
C ALA D 31 8.43 -0.90 -30.45
N ALA D 32 9.70 -0.52 -30.65
CA ALA D 32 10.57 -1.20 -31.63
C ALA D 32 10.99 -2.61 -31.23
N LYS D 33 11.13 -2.85 -29.93
CA LYS D 33 11.74 -4.06 -29.43
C LYS D 33 11.04 -4.53 -28.16
N ARG D 34 11.27 -5.77 -27.77
CA ARG D 34 10.91 -6.29 -26.45
C ARG D 34 9.43 -6.13 -26.13
N ILE D 35 9.12 -5.60 -24.93
CA ILE D 35 7.73 -5.53 -24.45
C ILE D 35 6.87 -4.57 -25.31
N GLY D 36 7.40 -3.39 -25.63
CA GLY D 36 6.69 -2.44 -26.48
C GLY D 36 6.31 -3.06 -27.83
N ARG D 37 7.24 -3.81 -28.41
CA ARG D 37 6.96 -4.52 -29.66
C ARG D 37 5.82 -5.52 -29.50
N ALA D 38 5.89 -6.36 -28.47
CA ALA D 38 4.83 -7.35 -28.21
C ALA D 38 3.47 -6.68 -28.05
N ILE D 39 3.45 -5.54 -27.33
CA ILE D 39 2.24 -4.75 -27.12
C ILE D 39 1.69 -4.24 -28.47
N ALA D 40 2.56 -3.61 -29.27
CA ALA D 40 2.15 -3.11 -30.59
C ALA D 40 1.59 -4.23 -31.47
N VAL D 41 2.29 -5.35 -31.49
CA VAL D 41 1.86 -6.52 -32.28
C VAL D 41 0.49 -7.04 -31.86
N LYS D 42 0.26 -7.20 -30.56
CA LYS D 42 -1.03 -7.69 -30.07
C LYS D 42 -2.17 -6.71 -30.33
N LEU D 43 -1.92 -5.41 -30.15
CA LEU D 43 -2.91 -4.39 -30.47
C LEU D 43 -3.27 -4.47 -31.95
N HIS D 44 -2.25 -4.50 -32.80
CA HIS D 44 -2.46 -4.66 -34.24
C HIS D 44 -3.29 -5.91 -34.57
N GLN D 45 -2.96 -7.03 -33.92
CA GLN D 45 -3.66 -8.33 -34.13
C GLN D 45 -5.11 -8.29 -33.67
N THR D 46 -5.39 -7.44 -32.69
CA THR D 46 -6.76 -7.19 -32.21
C THR D 46 -7.55 -6.25 -33.13
N GLY D 47 -6.87 -5.59 -34.06
CA GLY D 47 -7.52 -4.75 -35.07
C GLY D 47 -7.15 -3.27 -35.05
N TYR D 48 -6.27 -2.90 -34.12
CA TYR D 48 -5.77 -1.54 -34.02
C TYR D 48 -4.78 -1.19 -35.12
N ARG D 49 -4.83 0.07 -35.54
CA ARG D 49 -3.73 0.65 -36.28
C ARG D 49 -2.80 1.24 -35.22
N VAL D 50 -1.50 1.23 -35.49
CA VAL D 50 -0.52 1.54 -34.46
C VAL D 50 0.52 2.59 -34.90
N VAL D 51 0.85 3.49 -33.98
CA VAL D 51 2.04 4.33 -34.13
C VAL D 51 3.14 3.67 -33.33
N ILE D 52 4.21 3.30 -34.03
CA ILE D 52 5.37 2.69 -33.39
CA ILE D 52 5.39 2.68 -33.43
C ILE D 52 6.37 3.79 -33.04
N HIS D 53 6.35 4.23 -31.79
CA HIS D 53 7.34 5.22 -31.39
C HIS D 53 8.67 4.52 -31.08
N TYR D 54 9.78 5.18 -31.37
CA TYR D 54 11.10 4.65 -31.07
C TYR D 54 12.10 5.78 -30.81
N HIS D 55 13.27 5.43 -30.28
CA HIS D 55 14.30 6.42 -30.07
C HIS D 55 15.55 6.10 -30.92
N ASN D 56 16.32 5.10 -30.51
CA ASN D 56 17.49 4.73 -31.27
C ASN D 56 17.26 3.53 -32.20
N SER D 57 16.21 2.74 -31.96
CA SER D 57 16.03 1.48 -32.68
C SER D 57 15.28 1.64 -34.01
N ALA D 58 15.91 2.32 -34.96
CA ALA D 58 15.24 2.75 -36.18
C ALA D 58 14.96 1.60 -37.13
N GLU D 59 15.97 0.75 -37.33
CA GLU D 59 15.82 -0.43 -38.18
C GLU D 59 14.76 -1.38 -37.65
N ALA D 60 14.78 -1.65 -36.35
CA ALA D 60 13.77 -2.50 -35.72
C ALA D 60 12.37 -1.92 -35.89
N ALA D 61 12.23 -0.61 -35.68
CA ALA D 61 10.93 0.06 -35.79
C ALA D 61 10.36 0.05 -37.21
N VAL D 62 11.21 0.40 -38.19
CA VAL D 62 10.81 0.44 -39.60
C VAL D 62 10.44 -0.97 -40.06
N SER D 63 11.24 -1.96 -39.64
CA SER D 63 10.99 -3.38 -39.96
C SER D 63 9.67 -3.85 -39.39
N LEU D 64 9.37 -3.45 -38.16
CA LEU D 64 8.12 -3.82 -37.52
C LEU D 64 6.94 -3.19 -38.27
N ALA D 65 7.03 -1.90 -38.58
CA ALA D 65 5.97 -1.23 -39.33
C ALA D 65 5.75 -1.94 -40.67
N ASP D 66 6.84 -2.30 -41.35
CA ASP D 66 6.79 -3.04 -42.62
C ASP D 66 6.02 -4.37 -42.47
N GLU D 67 6.40 -5.16 -41.47
CA GLU D 67 5.73 -6.43 -41.15
C GLU D 67 4.22 -6.26 -40.93
N LEU D 68 3.84 -5.24 -40.17
CA LEU D 68 2.44 -5.00 -39.84
C LEU D 68 1.64 -4.49 -41.05
N ASN D 69 2.25 -3.61 -41.84
CA ASN D 69 1.63 -3.11 -43.07
C ASN D 69 1.44 -4.16 -44.15
N LYS D 70 2.38 -5.11 -44.22
CA LYS D 70 2.22 -6.29 -45.08
C LYS D 70 0.98 -7.09 -44.70
N GLU D 71 0.73 -7.20 -43.40
CA GLU D 71 -0.48 -7.87 -42.90
CA GLU D 71 -0.49 -7.87 -42.88
C GLU D 71 -1.76 -7.11 -43.28
N ARG D 72 -1.78 -5.79 -43.00
CA ARG D 72 -2.92 -4.93 -43.35
C ARG D 72 -2.40 -3.58 -43.83
N SER D 73 -2.76 -3.17 -45.05
CA SER D 73 -2.20 -1.95 -45.66
C SER D 73 -2.38 -0.68 -44.82
N ASN D 74 -1.29 0.06 -44.65
CA ASN D 74 -1.27 1.35 -43.96
C ASN D 74 -1.99 1.36 -42.60
N THR D 75 -1.66 0.36 -41.80
CA THR D 75 -2.16 0.29 -40.44
C THR D 75 -1.03 0.52 -39.42
N ALA D 76 0.16 0.88 -39.91
CA ALA D 76 1.28 1.18 -39.02
C ALA D 76 2.14 2.30 -39.57
N VAL D 77 2.58 3.18 -38.66
CA VAL D 77 3.52 4.25 -38.97
C VAL D 77 4.56 4.29 -37.86
N VAL D 78 5.74 4.80 -38.17
CA VAL D 78 6.77 4.98 -37.13
C VAL D 78 6.86 6.47 -36.75
N CYS D 79 7.23 6.72 -35.50
CA CYS D 79 7.48 8.09 -35.05
C CYS D 79 8.67 8.11 -34.09
N GLN D 80 9.75 8.79 -34.49
CA GLN D 80 10.96 8.89 -33.66
C GLN D 80 10.90 10.11 -32.75
N ALA D 81 11.29 9.90 -31.49
CA ALA D 81 11.43 11.01 -30.53
C ALA D 81 12.23 10.61 -29.30
N ASP D 82 13.15 11.48 -28.91
CA ASP D 82 13.82 11.38 -27.61
C ASP D 82 12.81 11.83 -26.55
N LEU D 83 12.59 11.02 -25.51
CA LEU D 83 11.64 11.37 -24.45
C LEU D 83 12.35 11.87 -23.17
N THR D 84 13.63 12.20 -23.30
CA THR D 84 14.37 12.88 -22.23
C THR D 84 13.69 14.21 -21.89
N ASN D 85 13.64 14.54 -20.60
CA ASN D 85 13.10 15.83 -20.20
C ASN D 85 13.94 16.98 -20.77
N SER D 86 13.25 17.98 -21.32
CA SER D 86 13.89 19.17 -21.89
C SER D 86 12.84 20.24 -22.19
N ASN D 87 13.31 21.39 -22.65
CA ASN D 87 12.45 22.47 -23.14
C ASN D 87 11.62 22.09 -24.38
N VAL D 88 12.10 21.13 -25.17
CA VAL D 88 11.38 20.68 -26.36
C VAL D 88 10.50 19.45 -26.14
N LEU D 89 10.54 18.86 -24.94
CA LEU D 89 9.78 17.63 -24.70
C LEU D 89 8.26 17.79 -24.88
N PRO D 90 7.66 18.89 -24.37
CA PRO D 90 6.22 19.06 -24.65
C PRO D 90 5.81 19.08 -26.14
N ALA D 91 6.59 19.76 -26.98
CA ALA D 91 6.32 19.77 -28.41
C ALA D 91 6.52 18.38 -29.04
N SER D 92 7.56 17.66 -28.59
CA SER D 92 7.83 16.27 -29.03
C SER D 92 6.65 15.34 -28.74
N CYS D 93 6.14 15.40 -27.52
CA CYS D 93 5.00 14.57 -27.14
C CYS D 93 3.73 14.95 -27.93
N GLU D 94 3.50 16.24 -28.13
CA GLU D 94 2.40 16.72 -28.95
CA GLU D 94 2.40 16.71 -28.96
C GLU D 94 2.53 16.14 -30.37
N GLU D 95 3.76 16.08 -30.89
CA GLU D 95 3.96 15.57 -32.26
C GLU D 95 3.74 14.06 -32.36
N ILE D 96 4.03 13.32 -31.29
CA ILE D 96 3.73 11.88 -31.27
C ILE D 96 2.22 11.65 -31.38
N ILE D 97 1.44 12.35 -30.55
CA ILE D 97 -0.02 12.26 -30.64
C ILE D 97 -0.51 12.76 -32.02
N ASN D 98 0.00 13.90 -32.46
CA ASN D 98 -0.30 14.43 -33.79
C ASN D 98 -0.07 13.41 -34.92
N SER D 99 0.97 12.59 -34.79
CA SER D 99 1.32 11.59 -35.81
C SER D 99 0.25 10.50 -35.93
N CYS D 100 -0.36 10.14 -34.79
CA CYS D 100 -1.49 9.21 -34.78
C CYS D 100 -2.68 9.78 -35.54
N PHE D 101 -3.00 11.06 -35.29
CA PHE D 101 -4.12 11.71 -35.98
C PHE D 101 -3.85 11.88 -37.48
N ARG D 102 -2.63 12.33 -37.81
CA ARG D 102 -2.23 12.46 -39.22
C ARG D 102 -2.41 11.15 -39.97
N ALA D 103 -1.99 10.04 -39.36
CA ALA D 103 -2.02 8.75 -40.04
C ALA D 103 -3.40 8.13 -40.06
N PHE D 104 -4.13 8.26 -38.96
CA PHE D 104 -5.33 7.46 -38.73
C PHE D 104 -6.60 8.24 -38.43
N GLY D 105 -6.47 9.54 -38.18
CA GLY D 105 -7.63 10.39 -38.00
C GLY D 105 -8.22 10.33 -36.61
N ARG D 106 -7.57 9.57 -35.73
CA ARG D 106 -8.07 9.32 -34.38
C ARG D 106 -6.95 8.71 -33.53
N CYS D 107 -7.09 8.81 -32.21
CA CYS D 107 -6.16 8.18 -31.27
C CYS D 107 -6.95 7.70 -30.05
N ASP D 108 -7.15 6.39 -29.99
CA ASP D 108 -8.01 5.78 -28.98
C ASP D 108 -7.25 5.29 -27.76
N VAL D 109 -6.02 4.84 -27.97
CA VAL D 109 -5.23 4.21 -26.92
C VAL D 109 -3.80 4.81 -26.91
N LEU D 110 -3.28 5.08 -25.71
CA LEU D 110 -1.88 5.45 -25.50
C LEU D 110 -1.23 4.45 -24.53
N VAL D 111 -0.12 3.87 -24.95
CA VAL D 111 0.65 2.97 -24.08
C VAL D 111 2.02 3.59 -23.80
N ASN D 112 2.24 3.95 -22.53
CA ASN D 112 3.49 4.59 -22.12
C ASN D 112 4.42 3.50 -21.65
N ASN D 113 5.22 3.00 -22.60
CA ASN D 113 6.12 1.88 -22.40
C ASN D 113 7.60 2.26 -22.36
N ALA D 114 8.02 3.25 -23.16
CA ALA D 114 9.43 3.64 -23.22
C ALA D 114 9.98 4.00 -21.84
N SER D 115 11.23 3.64 -21.58
CA SER D 115 11.80 3.75 -20.24
C SER D 115 13.31 3.63 -20.27
N ALA D 116 13.99 4.63 -19.70
CA ALA D 116 15.40 4.48 -19.35
C ALA D 116 15.55 3.78 -18.02
N PHE D 117 16.57 2.93 -17.91
CA PHE D 117 16.78 2.10 -16.75
C PHE D 117 18.26 1.85 -16.56
N TYR D 118 18.83 2.48 -15.53
CA TYR D 118 20.26 2.29 -15.20
C TYR D 118 20.54 2.87 -13.82
N PRO D 119 21.63 2.40 -13.16
CA PRO D 119 21.85 2.87 -11.80
C PRO D 119 22.30 4.32 -11.72
N THR D 120 21.96 4.94 -10.61
CA THR D 120 22.38 6.31 -10.30
C THR D 120 22.71 6.36 -8.82
N PRO D 121 23.89 5.84 -8.43
CA PRO D 121 24.31 5.76 -7.02
C PRO D 121 24.31 7.14 -6.35
N LEU D 122 23.84 7.18 -5.11
CA LEU D 122 23.84 8.39 -4.31
C LEU D 122 25.24 8.76 -3.81
N VAL D 123 26.10 7.75 -3.65
CA VAL D 123 27.47 7.95 -3.17
C VAL D 123 28.48 7.60 -4.25
N GLY D 133 29.33 8.14 -18.46
CA GLY D 133 29.95 9.42 -18.10
C GLY D 133 28.95 10.58 -18.05
N LYS D 134 27.67 10.23 -17.93
CA LYS D 134 26.60 11.22 -17.89
C LYS D 134 26.65 12.02 -16.60
N THR D 135 26.34 13.32 -16.70
CA THR D 135 26.21 14.16 -15.52
C THR D 135 24.88 13.83 -14.84
N VAL D 136 24.79 14.16 -13.56
CA VAL D 136 23.57 13.86 -12.81
C VAL D 136 22.36 14.58 -13.42
N GLU D 137 22.54 15.82 -13.90
CA GLU D 137 21.38 16.51 -14.50
C GLU D 137 20.86 15.77 -15.75
N THR D 138 21.77 15.12 -16.48
CA THR D 138 21.38 14.29 -17.64
C THR D 138 20.67 13.01 -17.20
N GLN D 139 21.17 12.39 -16.14
CA GLN D 139 20.50 11.20 -15.61
CA GLN D 139 20.53 11.20 -15.53
C GLN D 139 19.09 11.52 -15.12
N VAL D 140 18.95 12.64 -14.43
CA VAL D 140 17.63 13.14 -14.00
C VAL D 140 16.72 13.31 -15.22
N ALA D 141 17.22 14.02 -16.23
CA ALA D 141 16.43 14.29 -17.42
C ALA D 141 16.00 13.00 -18.12
N GLU D 142 16.90 12.02 -18.25
CA GLU D 142 16.54 10.80 -18.98
C GLU D 142 15.59 9.89 -18.17
N LEU D 143 15.90 9.69 -16.89
CA LEU D 143 15.12 8.73 -16.11
C LEU D 143 13.77 9.27 -15.67
N ILE D 144 13.72 10.54 -15.25
CA ILE D 144 12.45 11.18 -14.89
C ILE D 144 11.65 11.54 -16.14
N GLY D 145 12.35 11.98 -17.18
CA GLY D 145 11.75 12.27 -18.48
C GLY D 145 11.05 11.05 -19.06
N THR D 146 11.78 9.96 -19.31
CA THR D 146 11.18 8.79 -19.96
C THR D 146 10.09 8.15 -19.11
N ASN D 147 10.36 7.97 -17.82
CA ASN D 147 9.42 7.23 -16.97
C ASN D 147 8.22 7.99 -16.44
N ALA D 148 8.26 9.32 -16.46
CA ALA D 148 7.25 10.12 -15.76
C ALA D 148 6.75 11.37 -16.51
N ILE D 149 7.67 12.25 -16.90
CA ILE D 149 7.31 13.52 -17.53
CA ILE D 149 7.32 13.52 -17.56
C ILE D 149 6.73 13.34 -18.95
N ALA D 150 7.38 12.53 -19.76
CA ALA D 150 6.85 12.24 -21.09
C ALA D 150 5.48 11.58 -21.00
N PRO D 151 5.33 10.52 -20.16
CA PRO D 151 3.96 10.02 -19.98
C PRO D 151 2.93 11.11 -19.62
N PHE D 152 3.27 12.04 -18.72
CA PHE D 152 2.38 13.18 -18.38
C PHE D 152 2.01 14.04 -19.61
N LEU D 153 3.02 14.48 -20.34
CA LEU D 153 2.84 15.35 -21.50
C LEU D 153 2.10 14.63 -22.60
N LEU D 154 2.41 13.34 -22.79
CA LEU D 154 1.64 12.51 -23.75
C LEU D 154 0.16 12.37 -23.35
N THR D 155 -0.09 12.22 -22.04
CA THR D 155 -1.45 12.16 -21.50
C THR D 155 -2.21 13.48 -21.73
N MET D 156 -1.53 14.60 -21.51
CA MET D 156 -2.11 15.91 -21.77
CA MET D 156 -2.07 15.92 -21.79
C MET D 156 -2.49 16.05 -23.25
N SER D 157 -1.56 15.73 -24.15
CA SER D 157 -1.80 15.86 -25.58
C SER D 157 -2.92 14.92 -26.06
N PHE D 158 -2.94 13.71 -25.50
CA PHE D 158 -3.93 12.69 -25.82
C PHE D 158 -5.32 13.18 -25.44
N ALA D 159 -5.47 13.66 -24.20
CA ALA D 159 -6.75 14.13 -23.71
C ALA D 159 -7.24 15.39 -24.43
N GLN D 160 -6.33 16.33 -24.67
CA GLN D 160 -6.68 17.56 -25.34
CA GLN D 160 -6.64 17.58 -25.37
C GLN D 160 -7.08 17.36 -26.81
N ARG D 161 -6.47 16.38 -27.49
CA ARG D 161 -6.75 16.15 -28.90
C ARG D 161 -8.05 15.40 -29.21
N GLN D 162 -8.72 14.91 -28.18
CA GLN D 162 -9.96 14.14 -28.38
C GLN D 162 -11.08 15.01 -28.92
N SER D 172 -17.46 4.69 -27.88
CA SER D 172 -16.02 4.86 -27.76
C SER D 172 -15.44 4.11 -26.54
N ASN D 173 -14.13 3.84 -26.61
CA ASN D 173 -13.41 3.13 -25.55
C ASN D 173 -11.98 3.66 -25.51
N LEU D 174 -11.83 4.87 -24.97
CA LEU D 174 -10.54 5.53 -24.89
C LEU D 174 -9.82 5.14 -23.61
N SER D 175 -8.54 4.86 -23.70
CA SER D 175 -7.79 4.60 -22.47
C SER D 175 -6.30 4.71 -22.66
N ILE D 176 -5.62 4.79 -21.53
CA ILE D 176 -4.17 4.94 -21.44
C ILE D 176 -3.69 3.80 -20.53
N VAL D 177 -2.57 3.18 -20.89
CA VAL D 177 -1.97 2.12 -20.09
C VAL D 177 -0.51 2.50 -19.84
N ASN D 178 -0.14 2.64 -18.57
CA ASN D 178 1.22 2.99 -18.20
C ASN D 178 1.98 1.76 -17.72
N LEU D 179 3.18 1.55 -18.28
CA LEU D 179 4.02 0.43 -17.85
C LEU D 179 4.76 0.81 -16.58
N CYS D 180 4.33 0.21 -15.48
CA CYS D 180 4.86 0.51 -14.16
C CYS D 180 5.93 -0.52 -13.80
N ASP D 181 5.99 -0.90 -12.52
CA ASP D 181 7.04 -1.80 -12.04
C ASP D 181 6.56 -2.45 -10.74
N ALA D 182 6.45 -3.79 -10.75
CA ALA D 182 5.98 -4.55 -9.59
C ALA D 182 6.87 -4.40 -8.36
N MET D 183 8.14 -4.05 -8.57
CA MET D 183 9.09 -4.00 -7.47
C MET D 183 9.35 -2.59 -6.93
N VAL D 184 8.46 -1.64 -7.20
CA VAL D 184 8.69 -0.23 -6.79
C VAL D 184 8.96 -0.02 -5.30
N ASP D 185 8.37 -0.87 -4.48
CA ASP D 185 8.57 -0.77 -3.02
C ASP D 185 9.68 -1.65 -2.45
N GLN D 186 10.32 -2.42 -3.33
CA GLN D 186 11.52 -3.17 -2.96
C GLN D 186 12.52 -2.95 -4.09
N PRO D 187 13.05 -1.71 -4.21
CA PRO D 187 13.75 -1.34 -5.45
C PRO D 187 15.17 -1.92 -5.59
N CYS D 188 15.66 -1.90 -6.82
CA CYS D 188 17.04 -2.25 -7.08
C CYS D 188 17.94 -1.25 -6.33
N MET D 189 18.97 -1.78 -5.66
CA MET D 189 20.00 -0.95 -5.03
C MET D 189 20.61 0.03 -6.05
N ALA D 190 20.69 1.30 -5.65
CA ALA D 190 21.35 2.36 -6.43
C ALA D 190 20.59 2.84 -7.66
N PHE D 191 19.28 2.57 -7.69
CA PHE D 191 18.44 2.98 -8.81
C PHE D 191 17.41 4.02 -8.33
N SER D 192 17.82 4.98 -7.49
CA SER D 192 16.87 5.96 -6.92
CA SER D 192 16.91 5.99 -6.91
C SER D 192 16.12 6.75 -7.98
N LEU D 193 16.82 7.30 -8.98
CA LEU D 193 16.13 8.09 -10.03
C LEU D 193 15.11 7.28 -10.84
N TYR D 194 15.52 6.07 -11.23
CA TYR D 194 14.61 5.16 -11.93
C TYR D 194 13.36 4.91 -11.06
N ASN D 195 13.60 4.56 -9.79
CA ASN D 195 12.53 4.21 -8.87
C ASN D 195 11.64 5.42 -8.61
N MET D 196 12.24 6.60 -8.50
CA MET D 196 11.48 7.85 -8.41
C MET D 196 10.59 8.07 -9.63
N GLY D 197 11.13 7.82 -10.83
CA GLY D 197 10.38 7.96 -12.08
C GLY D 197 9.16 7.05 -12.11
N LYS D 198 9.35 5.79 -11.72
CA LYS D 198 8.24 4.83 -11.69
C LYS D 198 7.19 5.11 -10.62
N HIS D 199 7.62 5.61 -9.46
CA HIS D 199 6.66 6.07 -8.44
C HIS D 199 5.84 7.24 -8.98
N ALA D 200 6.50 8.22 -9.62
CA ALA D 200 5.79 9.35 -10.21
C ALA D 200 4.74 8.85 -11.22
N LEU D 201 5.09 7.81 -11.96
CA LEU D 201 4.16 7.22 -12.93
C LEU D 201 2.94 6.58 -12.27
N VAL D 202 3.11 6.01 -11.08
CA VAL D 202 1.94 5.50 -10.35
C VAL D 202 1.06 6.70 -9.98
N GLY D 203 1.70 7.78 -9.52
CA GLY D 203 0.98 9.01 -9.19
C GLY D 203 0.22 9.57 -10.37
N LEU D 204 0.84 9.59 -11.54
CA LEU D 204 0.16 10.08 -12.76
C LEU D 204 -1.04 9.20 -13.12
N THR D 205 -0.84 7.90 -13.06
CA THR D 205 -1.91 6.93 -13.34
C THR D 205 -3.16 7.21 -12.49
N GLN D 206 -2.94 7.45 -11.19
CA GLN D 206 -4.05 7.81 -10.29
C GLN D 206 -4.65 9.19 -10.56
N SER D 207 -3.80 10.22 -10.62
CA SER D 207 -4.28 11.58 -10.90
C SER D 207 -5.03 11.67 -12.22
N ALA D 208 -4.51 11.01 -13.24
CA ALA D 208 -5.08 11.13 -14.58
C ALA D 208 -6.37 10.30 -14.66
N ALA D 209 -6.39 9.14 -14.00
CA ALA D 209 -7.63 8.35 -13.91
C ALA D 209 -8.75 9.22 -13.31
N LEU D 210 -8.44 9.90 -12.20
CA LEU D 210 -9.41 10.75 -11.54
CA LEU D 210 -9.41 10.77 -11.53
C LEU D 210 -9.92 11.88 -12.43
N GLU D 211 -8.98 12.62 -13.03
CA GLU D 211 -9.29 13.82 -13.78
C GLU D 211 -9.90 13.56 -15.16
N LEU D 212 -9.52 12.45 -15.81
CA LEU D 212 -10.02 12.17 -17.16
C LEU D 212 -11.26 11.27 -17.23
N ALA D 213 -11.68 10.75 -16.09
CA ALA D 213 -12.89 9.92 -16.02
C ALA D 213 -14.13 10.62 -16.59
N PRO D 214 -14.33 11.92 -16.24
CA PRO D 214 -15.49 12.65 -16.82
C PRO D 214 -15.47 12.76 -18.34
N TYR D 215 -14.28 12.56 -18.93
CA TYR D 215 -14.08 12.59 -20.38
C TYR D 215 -14.12 11.20 -20.98
N GLY D 216 -14.38 10.19 -20.14
CA GLY D 216 -14.52 8.82 -20.59
C GLY D 216 -13.20 8.16 -20.93
N ILE D 217 -12.10 8.73 -20.46
CA ILE D 217 -10.79 8.15 -20.69
C ILE D 217 -10.35 7.41 -19.42
N ARG D 218 -10.15 6.09 -19.53
CA ARG D 218 -9.67 5.30 -18.41
C ARG D 218 -8.15 5.32 -18.41
N VAL D 219 -7.54 5.21 -17.24
CA VAL D 219 -6.07 5.27 -17.12
C VAL D 219 -5.64 4.18 -16.14
N ASN D 220 -4.82 3.24 -16.64
CA ASN D 220 -4.44 2.08 -15.85
C ASN D 220 -2.96 1.77 -16.02
N GLY D 221 -2.48 0.81 -15.24
CA GLY D 221 -1.07 0.43 -15.27
C GLY D 221 -0.90 -1.08 -15.35
N VAL D 222 0.20 -1.48 -15.95
CA VAL D 222 0.65 -2.87 -15.91
C VAL D 222 2.04 -2.86 -15.31
N ALA D 223 2.23 -3.70 -14.30
CA ALA D 223 3.48 -3.72 -13.53
C ALA D 223 4.23 -5.06 -13.65
N PRO D 224 5.16 -5.14 -14.62
CA PRO D 224 5.96 -6.37 -14.76
C PRO D 224 6.88 -6.53 -13.56
N GLY D 225 7.25 -7.77 -13.27
CA GLY D 225 8.29 -8.07 -12.28
C GLY D 225 9.63 -8.22 -12.99
N VAL D 226 9.95 -9.45 -13.37
CA VAL D 226 11.09 -9.67 -14.26
C VAL D 226 10.54 -10.24 -15.56
N SER D 227 10.87 -9.56 -16.67
CA SER D 227 10.40 -9.96 -17.99
CA SER D 227 10.38 -9.91 -18.00
C SER D 227 11.48 -9.85 -19.05
N LEU D 228 11.52 -10.85 -19.94
CA LEU D 228 12.41 -10.84 -21.10
C LEU D 228 13.79 -10.36 -20.72
N LEU D 229 14.52 -11.18 -19.98
CA LEU D 229 15.90 -10.89 -19.61
C LEU D 229 16.75 -10.80 -20.88
N PRO D 230 17.67 -9.81 -20.93
CA PRO D 230 18.42 -9.54 -22.15
C PRO D 230 19.19 -10.76 -22.62
N VAL D 231 19.02 -11.13 -23.90
CA VAL D 231 19.62 -12.35 -24.44
C VAL D 231 21.12 -12.45 -24.11
N ALA D 232 21.77 -11.28 -24.00
CA ALA D 232 23.20 -11.17 -23.68
C ALA D 232 23.53 -11.45 -22.21
N MET D 233 22.52 -11.37 -21.33
CA MET D 233 22.71 -11.78 -19.93
C MET D 233 23.09 -13.27 -19.84
N GLY D 234 24.16 -13.57 -19.11
CA GLY D 234 24.58 -14.95 -18.88
C GLY D 234 23.42 -15.75 -18.31
N GLU D 235 23.23 -16.96 -18.84
CA GLU D 235 22.14 -17.85 -18.39
C GLU D 235 22.17 -18.12 -16.88
N GLU D 236 23.39 -18.20 -16.32
CA GLU D 236 23.58 -18.40 -14.88
C GLU D 236 22.99 -17.25 -14.04
N GLU D 237 23.11 -16.02 -14.54
CA GLU D 237 22.46 -14.87 -13.90
C GLU D 237 20.95 -14.80 -14.21
N LYS D 238 20.57 -15.19 -15.43
CA LYS D 238 19.15 -15.29 -15.81
C LYS D 238 18.44 -16.25 -14.87
N ASP D 239 19.13 -17.35 -14.52
CA ASP D 239 18.62 -18.32 -13.56
C ASP D 239 18.52 -17.78 -12.11
N LYS D 240 19.34 -16.79 -11.75
CA LYS D 240 19.32 -16.21 -10.40
CA LYS D 240 19.29 -16.24 -10.39
C LYS D 240 18.03 -15.41 -10.16
N TRP D 241 17.60 -14.67 -11.18
CA TRP D 241 16.36 -13.92 -11.09
C TRP D 241 15.18 -14.86 -11.28
N ARG D 242 15.37 -15.84 -12.15
CA ARG D 242 14.37 -16.86 -12.43
C ARG D 242 14.02 -17.64 -11.16
N ARG D 243 15.04 -18.01 -10.38
CA ARG D 243 14.85 -18.85 -9.19
C ARG D 243 14.02 -18.17 -8.12
N LYS D 244 13.96 -16.85 -8.17
CA LYS D 244 13.23 -16.04 -7.21
C LYS D 244 11.73 -16.02 -7.48
N VAL D 245 11.33 -16.26 -8.73
CA VAL D 245 9.93 -16.12 -9.14
C VAL D 245 9.12 -17.34 -8.67
N PRO D 246 8.13 -17.13 -7.77
CA PRO D 246 7.38 -18.30 -7.33
C PRO D 246 6.65 -19.08 -8.43
N LEU D 247 6.02 -18.39 -9.36
CA LEU D 247 5.23 -19.08 -10.37
C LEU D 247 6.10 -19.51 -11.55
N GLY D 248 6.65 -20.72 -11.46
CA GLY D 248 7.33 -21.34 -12.57
C GLY D 248 8.83 -21.10 -12.66
N ARG D 249 9.38 -20.30 -11.74
CA ARG D 249 10.82 -20.07 -11.67
C ARG D 249 11.38 -19.53 -13.01
N ARG D 250 10.63 -18.61 -13.62
CA ARG D 250 10.97 -18.04 -14.92
C ARG D 250 10.43 -16.61 -15.03
N GLU D 251 11.03 -15.84 -15.93
CA GLU D 251 10.61 -14.46 -16.19
C GLU D 251 9.37 -14.46 -17.10
N ALA D 252 8.63 -13.35 -17.12
CA ALA D 252 7.47 -13.21 -18.01
C ALA D 252 7.96 -13.10 -19.46
N SER D 253 7.19 -13.65 -20.39
CA SER D 253 7.41 -13.32 -21.81
C SER D 253 6.86 -11.90 -22.03
N ALA D 254 7.28 -11.26 -23.11
CA ALA D 254 6.74 -9.95 -23.45
C ALA D 254 5.25 -10.09 -23.77
N GLU D 255 4.89 -11.24 -24.34
CA GLU D 255 3.50 -11.51 -24.70
C GLU D 255 2.60 -11.58 -23.47
N GLN D 256 3.11 -12.13 -22.39
CA GLN D 256 2.33 -12.18 -21.13
C GLN D 256 2.07 -10.77 -20.57
N ILE D 257 3.07 -9.90 -20.69
CA ILE D 257 2.90 -8.49 -20.33
C ILE D 257 1.88 -7.87 -21.27
N ALA D 258 2.03 -8.13 -22.57
CA ALA D 258 1.09 -7.57 -23.58
C ALA D 258 -0.35 -7.99 -23.32
N ASP D 259 -0.53 -9.22 -22.84
CA ASP D 259 -1.86 -9.76 -22.53
C ASP D 259 -2.63 -8.89 -21.52
N ALA D 260 -1.93 -8.38 -20.52
CA ALA D 260 -2.57 -7.54 -19.51
C ALA D 260 -2.95 -6.18 -20.09
N VAL D 261 -2.11 -5.66 -20.99
CA VAL D 261 -2.41 -4.42 -21.70
C VAL D 261 -3.67 -4.58 -22.56
N ILE D 262 -3.70 -5.64 -23.37
CA ILE D 262 -4.87 -5.98 -24.18
C ILE D 262 -6.16 -6.04 -23.35
N PHE D 263 -6.10 -6.68 -22.19
CA PHE D 263 -7.26 -6.72 -21.28
C PHE D 263 -7.72 -5.31 -20.88
N LEU D 264 -6.78 -4.50 -20.40
CA LEU D 264 -7.10 -3.16 -19.91
C LEU D 264 -7.69 -2.21 -20.97
N VAL D 265 -7.27 -2.37 -22.21
CA VAL D 265 -7.81 -1.55 -23.29
C VAL D 265 -9.15 -2.09 -23.84
N SER D 266 -9.47 -3.34 -23.49
CA SER D 266 -10.68 -4.03 -24.01
C SER D 266 -11.98 -3.57 -23.36
N GLY D 267 -13.11 -3.89 -23.99
CA GLY D 267 -14.43 -3.65 -23.39
C GLY D 267 -14.70 -4.45 -22.12
N SER D 268 -13.86 -5.45 -21.86
CA SER D 268 -13.98 -6.24 -20.63
C SER D 268 -13.44 -5.50 -19.39
N ALA D 269 -12.85 -4.33 -19.62
CA ALA D 269 -12.29 -3.49 -18.54
C ALA D 269 -12.95 -2.12 -18.49
N GLN D 270 -14.19 -2.02 -18.99
CA GLN D 270 -14.90 -0.74 -19.14
C GLN D 270 -15.11 0.05 -17.85
N TYR D 271 -15.13 -0.61 -16.69
CA TYR D 271 -15.29 0.04 -15.38
C TYR D 271 -13.98 0.14 -14.61
N ILE D 272 -12.89 -0.31 -15.23
CA ILE D 272 -11.57 -0.31 -14.58
C ILE D 272 -10.80 0.98 -14.89
N THR D 273 -10.58 1.80 -13.88
CA THR D 273 -9.69 2.94 -14.03
C THR D 273 -8.94 3.23 -12.73
N GLY D 274 -7.70 3.70 -12.85
CA GLY D 274 -6.80 3.90 -11.70
C GLY D 274 -6.23 2.62 -11.12
N SER D 275 -6.31 1.53 -11.88
CA SER D 275 -5.88 0.23 -11.41
CA SER D 275 -5.88 0.22 -11.41
C SER D 275 -4.52 -0.14 -12.01
N ILE D 276 -3.67 -0.73 -11.18
CA ILE D 276 -2.40 -1.19 -11.66
C ILE D 276 -2.34 -2.69 -11.46
N ILE D 277 -2.24 -3.42 -12.57
CA ILE D 277 -2.21 -4.87 -12.53
C ILE D 277 -0.77 -5.38 -12.51
N LYS D 278 -0.38 -6.01 -11.41
CA LYS D 278 0.92 -6.71 -11.37
CA LYS D 278 0.90 -6.71 -11.33
C LYS D 278 0.90 -7.94 -12.27
N VAL D 279 1.96 -8.10 -13.07
CA VAL D 279 2.15 -9.31 -13.88
C VAL D 279 3.56 -9.79 -13.56
N ASP D 280 3.71 -10.42 -12.39
CA ASP D 280 5.03 -10.66 -11.83
C ASP D 280 5.30 -12.09 -11.32
N GLY D 281 4.36 -13.00 -11.53
CA GLY D 281 4.53 -14.38 -11.08
C GLY D 281 4.76 -14.56 -9.58
N GLY D 282 4.34 -13.57 -8.79
CA GLY D 282 4.51 -13.63 -7.34
C GLY D 282 5.80 -13.00 -6.84
N LEU D 283 6.64 -12.46 -7.74
CA LEU D 283 7.97 -11.95 -7.36
C LEU D 283 7.94 -10.93 -6.20
N SER D 284 7.02 -9.97 -6.27
CA SER D 284 6.96 -8.91 -5.27
C SER D 284 6.52 -9.38 -3.89
N LEU D 285 6.02 -10.63 -3.78
CA LEU D 285 5.57 -11.19 -2.51
C LEU D 285 6.66 -11.91 -1.71
N VAL D 286 7.82 -12.05 -2.33
CA VAL D 286 8.93 -12.83 -1.77
C VAL D 286 9.82 -11.95 -0.89
N HIS D 287 9.91 -12.29 0.40
CA HIS D 287 10.81 -11.56 1.31
C HIS D 287 12.31 -11.79 1.02
N ALA D 288 13.14 -10.88 1.54
CA ALA D 288 14.60 -10.96 1.41
C ALA D 288 15.18 -12.23 2.02
PA NAP E . 5.83 -13.34 21.26
O1A NAP E . 6.91 -13.50 22.25
O2A NAP E . 5.85 -14.29 20.11
O5B NAP E . 4.41 -13.40 21.98
C5B NAP E . 4.07 -12.39 22.90
C4B NAP E . 3.11 -13.03 23.90
O4B NAP E . 1.93 -13.40 23.26
C3B NAP E . 3.61 -14.29 24.55
O3B NAP E . 4.52 -13.97 25.59
C2B NAP E . 2.30 -14.92 25.00
O2B NAP E . 2.11 -14.82 26.40
C1B NAP E . 1.23 -14.14 24.21
N9A NAP E . 0.34 -15.15 23.64
C8A NAP E . 0.62 -16.14 22.72
N7A NAP E . -0.51 -16.87 22.57
C5A NAP E . -1.48 -16.36 23.37
C6A NAP E . -2.80 -16.73 23.64
N6A NAP E . -3.39 -17.75 23.03
N1A NAP E . -3.53 -15.98 24.53
C2A NAP E . -2.98 -14.89 25.19
N3A NAP E . -1.68 -14.51 24.93
C4A NAP E . -0.95 -15.28 24.06
O3 NAP E . 5.95 -11.87 20.68
PN NAP E . 7.19 -10.90 20.38
O1N NAP E . 7.56 -10.26 21.65
O2N NAP E . 8.17 -11.60 19.53
O5D NAP E . 6.49 -9.80 19.44
C5D NAP E . 5.67 -8.79 19.97
C4D NAP E . 4.66 -8.35 18.92
O4D NAP E . 5.42 -7.90 17.80
C3D NAP E . 3.73 -9.47 18.41
O3D NAP E . 2.46 -8.89 18.15
C2D NAP E . 4.41 -9.90 17.12
O2D NAP E . 3.53 -10.47 16.17
C1D NAP E . 5.00 -8.57 16.63
N1N NAP E . 6.13 -8.83 15.75
C2N NAP E . 7.28 -9.33 16.28
C3N NAP E . 8.34 -9.62 15.45
C7N NAP E . 9.59 -10.15 16.03
O7N NAP E . 10.70 -10.29 15.19
N7N NAP E . 9.65 -10.51 17.34
C4N NAP E . 8.23 -9.38 14.08
C5N NAP E . 7.06 -8.86 13.53
C6N NAP E . 6.00 -8.60 14.40
P2B NAP E . 2.71 -15.87 27.47
O1X NAP E . 2.37 -15.29 28.82
O2X NAP E . 4.21 -15.93 27.31
O3X NAP E . 2.07 -17.24 27.29
C5 DX1 F . 9.62 -13.65 14.18
N7 DX1 F . 8.83 -14.35 16.34
C2 DX1 F . 6.20 -12.54 14.64
N1 DX1 F . 5.22 -12.58 15.57
C6 DX1 F . 9.82 -14.31 15.40
N11 DX1 F . 4.41 -13.24 17.67
C10 DX1 F . 5.42 -13.21 16.77
N12 DX1 F . 6.02 -11.92 13.46
N9 DX1 F . 6.63 -13.80 17.03
C8 DX1 F . 7.62 -13.76 16.11
C16 DX1 F . 11.11 -14.96 15.72
C17 DX1 F . 12.02 -13.90 16.28
C18 DX1 F . 10.88 -16.11 16.71
N4 DX1 F . 8.41 -13.08 13.96
C3 DX1 F . 7.43 -13.13 14.90
C13 DX1 F . 10.69 -13.60 13.13
C14 DX1 F . 10.45 -14.56 11.98
C15 DX1 F . 10.88 -12.20 12.58
S1 DTT G . 9.63 -15.82 7.81
C1 DTT G . 9.90 -16.94 9.21
C2 DTT G . 10.82 -18.13 8.88
O2 DTT G . 10.23 -18.88 7.80
C3 DTT G . 11.07 -19.02 10.11
O3 DTT G . 10.07 -20.03 10.19
C4 DTT G . 11.14 -18.21 11.40
S4 DTT G . 10.67 -19.10 12.92
PA NAP H . -23.78 -10.28 -1.30
O1A NAP H . -25.00 -10.28 -2.13
O2A NAP H . -23.87 -9.33 -0.18
O5B NAP H . -23.46 -11.76 -0.78
C5B NAP H . -23.14 -12.82 -1.66
C4B NAP H . -23.64 -14.13 -1.07
O4B NAP H . -22.94 -14.39 0.12
C3B NAP H . -25.10 -14.11 -0.63
O3B NAP H . -25.93 -14.42 -1.72
C2B NAP H . -25.13 -15.17 0.46
O2B NAP H . -25.71 -16.38 0.03
C1B NAP H . -23.63 -15.41 0.78
N9A NAP H . -23.52 -15.40 2.24
C8A NAP H . -23.79 -14.40 3.15
N7A NAP H . -23.60 -14.93 4.39
C5A NAP H . -23.26 -16.23 4.27
C6A NAP H . -22.95 -17.25 5.19
N6A NAP H . -22.97 -17.04 6.51
N1A NAP H . -22.60 -18.50 4.72
C2A NAP H . -22.56 -18.76 3.37
N3A NAP H . -22.84 -17.76 2.46
C4A NAP H . -23.20 -16.53 2.92
O3 NAP H . -22.56 -9.95 -2.27
PN NAP H . -22.43 -9.00 -3.57
O1N NAP H . -22.96 -9.73 -4.75
O2N NAP H . -23.00 -7.68 -3.23
O5D NAP H . -20.84 -8.85 -3.69
C5D NAP H . -20.05 -9.96 -4.08
C4D NAP H . -18.64 -9.90 -3.49
O4D NAP H . -18.04 -8.66 -3.85
C3D NAP H . -18.64 -9.99 -1.97
O3D NAP H . -17.53 -10.72 -1.51
C2D NAP H . -18.52 -8.54 -1.55
O2D NAP H . -17.92 -8.33 -0.29
C1D NAP H . -17.67 -7.95 -2.68
N1N NAP H . -17.94 -6.51 -2.77
C2N NAP H . -19.18 -6.10 -3.22
C3N NAP H . -19.46 -4.74 -3.28
C7N NAP H . -20.78 -4.26 -3.78
O7N NAP H . -20.97 -2.88 -3.95
N7N NAP H . -21.77 -5.14 -4.06
C4N NAP H . -18.48 -3.82 -2.87
C5N NAP H . -17.23 -4.25 -2.42
C6N NAP H . -16.98 -5.61 -2.37
P2B NAP H . -27.29 -16.73 0.11
O1X NAP H . -27.47 -18.06 -0.58
O2X NAP H . -28.07 -15.63 -0.56
O3X NAP H . -27.69 -16.88 1.57
C5 DX1 I . -22.01 -2.13 -0.55
N7 DX1 I . -23.24 -4.17 -0.51
C2 DX1 I . -19.80 -4.88 0.40
N1 DX1 I . -19.88 -6.22 0.61
C6 DX1 I . -23.22 -2.84 -0.72
N11 DX1 I . -21.12 -8.22 0.67
C10 DX1 I . -21.06 -6.88 0.45
N12 DX1 I . -18.63 -4.23 0.58
N9 DX1 I . -22.16 -6.19 0.06
C8 DX1 I . -22.13 -4.85 -0.14
C16 DX1 I . -24.50 -2.17 -1.15
C17 DX1 I . -24.66 -2.36 -2.66
C18 DX1 I . -25.72 -2.69 -0.39
N4 DX1 I . -20.89 -2.83 -0.18
C3 DX1 I . -20.93 -4.16 0.03
C13 DX1 I . -21.94 -0.66 -0.78
C14 DX1 I . -22.29 0.12 0.48
C15 DX1 I . -20.56 -0.24 -1.29
S1 DTT J . -20.03 2.69 3.59
C1 DTT J . -21.65 2.06 4.11
C2 DTT J . -22.62 3.19 4.41
O2 DTT J . -22.24 3.79 5.66
C3 DTT J . -24.08 2.72 4.47
O3 DTT J . -24.31 1.96 5.66
C4 DTT J . -24.49 1.93 3.22
S4 DTT J . -25.07 0.24 3.54
PA NAP K . 4.41 25.77 1.68
O1A NAP K . 4.16 26.91 2.58
O2A NAP K . 3.47 25.60 0.55
O5B NAP K . 5.93 25.72 1.11
C5B NAP K . 7.04 25.84 1.97
C4B NAP K . 8.16 26.60 1.27
O4B NAP K . 8.59 25.98 0.07
C3B NAP K . 7.79 28.01 0.83
O3B NAP K . 7.83 28.87 1.94
C2B NAP K . 8.85 28.29 -0.23
O2B NAP K . 9.91 29.14 0.22
C1B NAP K . 9.43 26.89 -0.56
N9A NAP K . 9.44 26.83 -2.02
C8A NAP K . 8.41 26.87 -2.91
N7A NAP K . 8.92 26.89 -4.15
C5A NAP K . 10.28 26.85 -4.07
C6A NAP K . 11.30 26.88 -5.01
N6A NAP K . 11.10 26.90 -6.33
N1A NAP K . 12.59 26.83 -4.55
C2A NAP K . 12.88 26.81 -3.20
N3A NAP K . 11.87 26.81 -2.27
C4A NAP K . 10.60 26.83 -2.72
O3 NAP K . 4.42 24.42 2.56
PN NAP K . 3.69 24.04 3.94
O1N NAP K . 4.44 24.70 5.03
O2N NAP K . 2.24 24.33 3.73
O5D NAP K . 3.98 22.45 3.96
C5D NAP K . 5.28 21.95 4.24
C4D NAP K . 5.52 20.56 3.61
O4D NAP K . 4.44 19.68 3.98
C3D NAP K . 5.55 20.60 2.10
O3D NAP K . 6.47 19.65 1.60
C2D NAP K . 4.14 20.20 1.73
O2D NAP K . 3.98 19.63 0.45
C1D NAP K . 3.79 19.19 2.83
N1N NAP K . 2.31 19.15 3.02
C2N NAP K . 1.62 20.22 3.54
C3N NAP K . 0.24 20.16 3.68
C7N NAP K . -0.56 21.30 4.25
O7N NAP K . -1.93 21.10 4.45
N7N NAP K . 0.02 22.46 4.58
C4N NAP K . -0.44 19.00 3.28
C5N NAP K . 0.28 17.93 2.77
C6N NAP K . 1.65 18.01 2.63
P2B NAP K . 9.87 30.75 0.22
O1X NAP K . 8.67 31.17 1.04
O2X NAP K . 9.74 31.28 -1.19
O3X NAP K . 11.14 31.25 0.87
C5 DX1 L . -2.65 22.10 1.29
N7 DX1 L . -0.98 23.81 1.17
C2 DX1 L . 0.44 20.67 0.01
N1 DX1 L . 1.71 21.05 -0.28
C6 DX1 L . -2.25 23.44 1.47
N11 DX1 L . 3.32 22.75 -0.40
C10 DX1 L . 2.07 22.36 -0.11
N12 DX1 L . 0.03 19.40 -0.17
N9 DX1 L . 1.18 23.27 0.39
C8 DX1 L . -0.09 22.92 0.68
C16 DX1 L . -3.19 24.47 2.01
C17 DX1 L . -2.91 24.67 3.50
C18 DX1 L . -3.08 25.77 1.21
N4 DX1 L . -1.76 21.21 0.79
C3 DX1 L . -0.48 21.59 0.51
C13 DX1 L . -4.04 21.64 1.59
C14 DX1 L . -4.93 21.80 0.35
C15 DX1 L . -4.07 20.18 2.04
S1 DTT M . -7.32 18.93 -2.72
C1 DTT M . -7.03 20.71 -2.58
C2 DTT M . -8.03 21.52 -3.39
O2 DTT M . -8.05 21.01 -4.73
C3 DTT M . -7.73 23.02 -3.38
O3 DTT M . -8.26 23.63 -4.57
C4 DTT M . -6.25 23.37 -3.27
S4 DTT M . -6.01 25.09 -2.78
C5 DX1 N . 14.89 -5.27 -15.47
N7 DX1 N . 15.30 -4.27 -17.62
C2 DX1 N . 13.05 -2.13 -15.75
N1 DX1 N . 12.85 -1.11 -16.63
C6 DX1 N . 15.51 -5.28 -16.73
N11 DX1 N . 13.24 -0.11 -18.71
C10 DX1 N . 13.47 -1.14 -17.85
N12 DX1 N . 12.47 -2.10 -14.54
N9 DX1 N . 14.28 -2.18 -18.19
C8 DX1 N . 14.49 -3.21 -17.32
C16 DX1 N . 16.40 -6.42 -17.14
C17 DX1 N . 15.72 -7.21 -18.24
C18 DX1 N . 17.77 -5.88 -17.57
N4 DX1 N . 14.08 -4.20 -15.17
C3 DX1 N . 13.88 -3.20 -16.07
C13 DX1 N . 15.08 -6.38 -14.47
C14 DX1 N . 16.13 -6.06 -13.41
C15 DX1 N . 13.78 -6.77 -13.78
S1 DTT O . 17.38 -4.95 -9.22
C1 DTT O . 18.50 -5.38 -10.59
C2 DTT O . 19.84 -5.83 -10.04
O2 DTT O . 20.44 -4.72 -9.37
C3 DTT O . 20.71 -6.42 -11.16
O3 DTT O . 21.59 -7.41 -10.62
C4 DTT O . 21.52 -5.37 -11.92
S4 DTT O . 20.86 -5.07 -13.59
PA NAP P . 13.41 -1.35 -22.31
O1A NAP P . 13.83 -2.29 -23.36
O2A NAP P . 14.44 -1.17 -21.25
O5B NAP P . 13.07 0.08 -22.93
C5B NAP P . 12.00 0.17 -23.85
C4B NAP P . 12.29 1.25 -24.88
O4B NAP P . 12.34 2.51 -24.22
C3B NAP P . 13.64 1.09 -25.55
O3B NAP P . 13.53 0.20 -26.65
C2B NAP P . 13.93 2.52 -25.95
O2B NAP P . 13.72 2.76 -27.33
C1B NAP P . 12.92 3.36 -25.13
N9A NAP P . 13.73 4.43 -24.54
C8A NAP P . 14.77 4.31 -23.67
N7A NAP P . 15.27 5.55 -23.46
C5A NAP P . 14.56 6.44 -24.21
C6A NAP P . 14.62 7.82 -24.40
N6A NAP P . 15.53 8.60 -23.80
N1A NAP P . 13.71 8.40 -25.26
C2A NAP P . 12.74 7.67 -25.92
N3A NAP P . 12.69 6.30 -25.74
C4A NAP P . 13.59 5.72 -24.90
O3 NAP P . 12.04 -1.85 -21.67
PN NAP P . 11.45 -3.33 -21.43
O1N NAP P . 10.89 -3.79 -22.72
O2N NAP P . 12.44 -4.13 -20.68
O5D NAP P . 10.24 -2.95 -20.42
C5D NAP P . 9.04 -2.37 -20.89
C4D NAP P . 8.38 -1.53 -19.78
O4D NAP P . 8.11 -2.37 -18.67
C3D NAP P . 9.30 -0.42 -19.31
O3D NAP P . 8.53 0.71 -18.93
C2D NAP P . 9.92 -1.01 -18.08
O2D NAP P . 10.36 -0.08 -17.12
C1D NAP P . 8.78 -1.89 -17.53
N1N NAP P . 9.37 -2.95 -16.71
C2N NAP P . 10.13 -3.92 -17.31
C3N NAP P . 10.71 -4.91 -16.52
C7N NAP P . 11.53 -5.98 -17.19
O7N NAP P . 11.87 -7.05 -16.38
N7N NAP P . 11.89 -5.91 -18.48
C4N NAP P . 10.52 -4.92 -15.13
C5N NAP P . 9.75 -3.92 -14.55
C6N NAP P . 9.19 -2.94 -15.35
P2B NAP P . 14.85 2.52 -28.46
O1X NAP P . 14.17 2.81 -29.76
O2X NAP P . 15.30 1.11 -28.41
O3X NAP P . 16.02 3.47 -28.26
#